data_1KP0
#
_entry.id   1KP0
#
_cell.length_a   111.263
_cell.length_b   113.624
_cell.length_c   191.649
_cell.angle_alpha   90.00
_cell.angle_beta   90.00
_cell.angle_gamma   90.00
#
_symmetry.space_group_name_H-M   'I 2 2 2'
#
loop_
_entity.id
_entity.type
_entity.pdbx_description
1 polymer 'CREATINE AMIDINOHYDROLASE'
2 water water
#
_entity_poly.entity_id   1
_entity_poly.type   'polypeptide(L)'
_entity_poly.pdbx_seq_one_letter_code
;AAMIZTZKYHNGZKKYTPFSZAEMTRRZBRLRAWMAKSBIDAVLFTSYHNINYYSGWLYCYFGRKYAZVIBZVKAVTISK
GIDGGMPWRRSFGBNIVYTDWKRDNFYSAVKKLVKGAKZIGIEHDHVTLBHRRZLZKALPGTEFVDVGZPVMWZRVIKSS
EEZBLIRZGARISDIGGAATAAAISAGVPEYEVAIATTBAMVRZIARBFPYVELMDTWIWFQSGINTDGAHNPVTBRVVZ
RGDILSLNCFPMIFGYYTALERTLFLZZVBDASLZIWZKNTAVHRRGLZLIKPGARCKDIASELNBMYRZWDLLRYRTFG
YGHSFGVLBHYYGREAGVELREDIZTVLEPGMVVSMEPMVMBPEGEPGAGGYREHDILVIKENBTENITGFPFGPEHNII
KA
;
_entity_poly.pdbx_strand_id   A,B
#
# COMPACT_ATOMS: atom_id res chain seq x y z
N ALA A 1 -6.88 13.00 -30.14
CA ALA A 1 -8.19 13.65 -29.81
C ALA A 1 -9.34 12.69 -30.15
N ALA A 2 -9.32 12.10 -31.34
CA ALA A 2 -10.36 11.15 -31.78
C ALA A 2 -10.44 9.96 -30.83
N MET A 3 -9.65 10.02 -29.76
CA MET A 3 -9.62 8.98 -28.74
C MET A 3 -10.53 9.48 -27.61
N ILE A 4 -11.26 8.56 -26.99
CA ILE A 4 -12.18 8.91 -25.90
C ILE A 4 -11.42 9.44 -24.66
N GLX A 5 -11.81 10.60 -24.15
CA GLX A 5 -11.15 11.19 -22.98
C GLX A 5 -11.89 10.85 -21.69
N THR A 6 -13.21 10.97 -21.72
CA THR A 6 -14.04 10.66 -20.57
C THR A 6 -15.31 9.98 -21.06
N GLX A 7 -15.42 8.68 -20.77
CA GLX A 7 -16.59 7.94 -21.16
C GLX A 7 -16.93 6.99 -20.02
N LYS A 8 -18.14 6.44 -20.05
CA LYS A 8 -18.50 5.53 -18.98
C LYS A 8 -18.76 4.12 -19.48
N TYR A 9 -17.74 3.27 -19.49
CA TYR A 9 -18.03 1.93 -19.92
C TYR A 9 -18.17 0.91 -18.77
N HIS A 10 -19.45 0.67 -18.49
CA HIS A 10 -19.93 -0.23 -17.46
C HIS A 10 -19.93 -1.66 -17.96
N ASN A 11 -18.78 -2.31 -17.87
CA ASN A 11 -18.61 -3.67 -18.33
C ASN A 11 -19.01 -4.67 -17.26
N GLY A 12 -19.92 -5.59 -17.59
CA GLY A 12 -20.33 -6.61 -16.64
C GLY A 12 -21.42 -6.14 -15.71
N GLX A 13 -21.76 -6.95 -14.71
CA GLX A 13 -22.82 -6.58 -13.78
C GLX A 13 -22.32 -6.36 -12.35
N LYS A 14 -23.05 -5.54 -11.58
CA LYS A 14 -22.68 -5.25 -10.21
C LYS A 14 -22.35 -6.54 -9.46
N LYS A 15 -21.26 -6.52 -8.70
CA LYS A 15 -20.83 -7.68 -7.95
C LYS A 15 -21.43 -7.73 -6.56
N TYR A 16 -21.33 -8.91 -5.94
CA TYR A 16 -21.82 -9.12 -4.59
C TYR A 16 -21.10 -8.22 -3.60
N THR A 17 -21.80 -7.87 -2.54
CA THR A 17 -21.24 -7.05 -1.49
C THR A 17 -21.81 -7.53 -0.16
N PRO A 18 -21.00 -7.49 0.92
CA PRO A 18 -21.48 -7.94 2.23
C PRO A 18 -22.50 -6.95 2.77
N PHE A 19 -22.34 -5.70 2.40
CA PHE A 19 -23.23 -4.66 2.88
C PHE A 19 -24.53 -4.51 2.10
N SER A 20 -25.61 -4.32 2.85
CA SER A 20 -26.92 -4.18 2.27
C SER A 20 -27.09 -2.81 1.66
N GLX A 21 -28.10 -2.68 0.81
CA GLX A 21 -28.38 -1.43 0.15
C GLX A 21 -28.64 -0.32 1.18
N ALA A 22 -29.27 -0.68 2.29
CA ALA A 22 -29.57 0.30 3.35
C ALA A 22 -28.30 0.80 4.02
N GLU A 23 -27.35 -0.11 4.20
CA GLU A 23 -26.09 0.23 4.84
C GLU A 23 -25.29 1.21 3.97
N MET A 24 -25.22 0.93 2.68
CA MET A 24 -24.49 1.81 1.79
C MET A 24 -25.19 3.16 1.71
N THR A 25 -26.51 3.14 1.61
CA THR A 25 -27.26 4.38 1.54
C THR A 25 -27.05 5.16 2.83
N ARG A 26 -27.09 4.47 3.96
CA ARG A 26 -26.89 5.13 5.23
C ARG A 26 -25.64 5.99 5.18
N ARG A 27 -24.55 5.40 4.69
CA ARG A 27 -23.30 6.13 4.61
C ARG A 27 -23.41 7.36 3.74
N GLX A 28 -23.82 7.17 2.49
CA GLX A 28 -23.95 8.28 1.56
C GLX A 28 -24.89 9.38 2.07
N ASX A 29 -25.91 9.00 2.83
CA ASX A 29 -26.84 9.99 3.36
C ASX A 29 -26.27 10.70 4.57
N ARG A 30 -25.31 10.07 5.26
CA ARG A 30 -24.67 10.69 6.41
C ARG A 30 -23.98 11.97 5.91
N LEU A 31 -23.30 11.83 4.77
CA LEU A 31 -22.58 12.92 4.13
C LEU A 31 -23.46 14.04 3.64
N ARG A 32 -24.43 13.67 2.81
CA ARG A 32 -25.35 14.65 2.27
C ARG A 32 -25.85 15.46 3.44
N ALA A 33 -26.04 14.79 4.57
CA ALA A 33 -26.51 15.44 5.78
C ALA A 33 -25.50 16.46 6.28
N TRP A 34 -24.23 16.10 6.27
CA TRP A 34 -23.20 17.01 6.74
C TRP A 34 -23.06 18.17 5.75
N MET A 35 -23.21 17.87 4.47
CA MET A 35 -23.10 18.90 3.47
C MET A 35 -24.18 19.95 3.71
N ALA A 36 -25.41 19.48 3.85
CA ALA A 36 -26.56 20.34 4.08
C ALA A 36 -26.37 21.26 5.28
N LYS A 37 -25.61 20.82 6.27
CA LYS A 37 -25.38 21.66 7.44
C LYS A 37 -24.28 22.68 7.18
N SER A 38 -23.26 22.28 6.45
CA SER A 38 -22.14 23.18 6.20
C SER A 38 -22.20 23.90 4.85
N ASX A 39 -23.39 23.89 4.26
CA ASX A 39 -23.62 24.55 2.98
C ASX A 39 -22.64 24.11 1.88
N ILE A 40 -22.48 22.81 1.72
CA ILE A 40 -21.58 22.26 0.70
C ILE A 40 -22.43 21.68 -0.42
N ASP A 41 -22.04 22.00 -1.65
CA ASP A 41 -22.77 21.54 -2.82
C ASP A 41 -22.40 20.15 -3.28
N ALA A 42 -21.14 19.76 -3.09
CA ALA A 42 -20.71 18.44 -3.50
C ALA A 42 -19.44 18.08 -2.77
N VAL A 43 -19.19 16.78 -2.64
CA VAL A 43 -18.00 16.29 -1.96
C VAL A 43 -17.16 15.46 -2.89
N LEU A 44 -15.86 15.73 -2.88
CA LEU A 44 -14.92 15.01 -3.71
C LEU A 44 -13.98 14.16 -2.86
N PHE A 45 -14.26 12.87 -2.82
CA PHE A 45 -13.42 11.95 -2.07
C PHE A 45 -12.32 11.50 -3.02
N THR A 46 -11.14 11.27 -2.48
CA THR A 46 -9.97 10.89 -3.27
C THR A 46 -9.08 9.82 -2.63
N SER A 47 -9.23 9.62 -1.34
CA SER A 47 -8.40 8.64 -0.63
C SER A 47 -8.90 7.21 -0.81
N TYR A 48 -8.05 6.23 -0.48
CA TYR A 48 -8.45 4.84 -0.58
C TYR A 48 -9.59 4.61 0.41
N HIS A 49 -9.36 5.00 1.67
CA HIS A 49 -10.35 4.79 2.72
C HIS A 49 -11.74 5.39 2.56
N ASN A 50 -11.83 6.64 2.13
CA ASN A 50 -13.16 7.22 1.96
C ASN A 50 -13.92 6.62 0.81
N ILE A 51 -13.25 6.49 -0.34
CA ILE A 51 -13.91 5.94 -1.51
C ILE A 51 -14.41 4.53 -1.21
N ASN A 52 -13.69 3.81 -0.36
CA ASN A 52 -14.10 2.45 -0.03
C ASN A 52 -15.27 2.46 0.96
N TYR A 53 -15.24 3.39 1.90
CA TYR A 53 -16.30 3.49 2.87
C TYR A 53 -17.61 3.87 2.19
N TYR A 54 -17.56 4.89 1.33
CA TYR A 54 -18.76 5.38 0.66
C TYR A 54 -19.25 4.69 -0.60
N SER A 55 -18.37 3.95 -1.29
CA SER A 55 -18.78 3.27 -2.50
C SER A 55 -18.67 1.76 -2.39
N GLY A 56 -17.81 1.28 -1.50
CA GLY A 56 -17.62 -0.15 -1.34
C GLY A 56 -16.52 -0.71 -2.23
N TRP A 57 -15.95 0.14 -3.09
CA TRP A 57 -14.88 -0.27 -4.00
C TRP A 57 -13.53 0.24 -3.55
N LEU A 58 -12.52 -0.62 -3.56
CA LEU A 58 -11.18 -0.24 -3.16
C LEU A 58 -10.30 -0.17 -4.40
N TYR A 59 -9.80 1.03 -4.72
CA TYR A 59 -8.97 1.23 -5.90
C TYR A 59 -7.48 0.96 -5.75
N CYS A 60 -6.82 0.76 -6.89
CA CYS A 60 -5.40 0.53 -6.93
C CYS A 60 -4.81 1.81 -7.53
N TYR A 61 -3.89 2.40 -6.77
CA TYR A 61 -3.25 3.66 -7.13
C TYR A 61 -2.37 3.74 -8.37
N PHE A 62 -1.16 3.20 -8.25
CA PHE A 62 -0.18 3.23 -9.34
C PHE A 62 -0.01 4.61 -9.96
N GLY A 63 0.04 5.62 -9.12
CA GLY A 63 0.24 6.98 -9.57
C GLY A 63 -0.92 7.73 -10.21
N ARG A 64 -2.09 7.12 -10.33
CA ARG A 64 -3.19 7.82 -10.94
C ARG A 64 -4.14 8.45 -9.94
N LYS A 65 -4.85 9.48 -10.37
CA LYS A 65 -5.80 10.14 -9.51
C LYS A 65 -7.11 9.37 -9.61
N TYR A 66 -7.79 9.24 -8.47
CA TYR A 66 -9.08 8.55 -8.41
C TYR A 66 -10.01 9.42 -7.59
N ALA A 67 -11.31 9.17 -7.66
CA ALA A 67 -12.25 9.98 -6.88
C ALA A 67 -13.68 9.50 -6.89
N GLX A 68 -14.48 10.15 -6.05
CA GLX A 68 -15.90 9.88 -5.94
C GLX A 68 -16.57 11.20 -5.59
N VAL A 69 -17.60 11.55 -6.36
CA VAL A 69 -18.31 12.78 -6.10
C VAL A 69 -19.69 12.45 -5.58
N ILE A 70 -20.14 13.20 -4.58
CA ILE A 70 -21.44 12.99 -3.99
C ILE A 70 -22.17 14.29 -3.76
N ASX A 71 -23.32 14.48 -4.42
CA ASX A 71 -24.14 15.66 -4.21
C ASX A 71 -25.45 15.14 -3.62
N GLX A 72 -26.47 15.99 -3.49
CA GLX A 72 -27.74 15.55 -2.91
C GLX A 72 -28.47 14.42 -3.65
N VAL A 73 -28.33 14.37 -4.98
CA VAL A 73 -29.03 13.36 -5.75
C VAL A 73 -28.19 12.20 -6.30
N LYS A 74 -26.90 12.43 -6.55
CA LYS A 74 -26.05 11.40 -7.13
C LYS A 74 -24.83 10.96 -6.29
N ALA A 75 -24.19 9.88 -6.75
CA ALA A 75 -22.99 9.30 -6.12
C ALA A 75 -22.22 8.59 -7.25
N VAL A 76 -21.13 9.20 -7.69
CA VAL A 76 -20.34 8.62 -8.78
C VAL A 76 -18.86 8.45 -8.46
N THR A 77 -18.28 7.34 -8.90
CA THR A 77 -16.86 7.08 -8.69
C THR A 77 -16.10 7.40 -9.99
N ILE A 78 -14.83 7.76 -9.89
CA ILE A 78 -14.05 8.09 -11.07
C ILE A 78 -12.82 7.20 -11.17
N SER A 79 -12.91 6.16 -11.98
CA SER A 79 -11.79 5.24 -12.16
C SER A 79 -11.06 5.55 -13.47
N LYS A 80 -9.94 4.87 -13.70
CA LYS A 80 -9.16 5.09 -14.90
C LYS A 80 -9.50 4.02 -15.94
N GLY A 81 -9.03 4.22 -17.17
CA GLY A 81 -9.31 3.28 -18.23
C GLY A 81 -8.63 1.95 -18.01
N ILE A 82 -7.55 1.95 -17.25
CA ILE A 82 -6.80 0.73 -16.99
C ILE A 82 -7.61 -0.23 -16.11
N ASP A 83 -8.62 0.30 -15.43
CA ASP A 83 -9.44 -0.53 -14.56
C ASP A 83 -10.69 -1.08 -15.23
N GLY A 84 -10.86 -0.79 -16.51
CA GLY A 84 -12.03 -1.29 -17.21
C GLY A 84 -13.32 -1.03 -16.46
N GLY A 85 -14.11 -2.09 -16.29
CA GLY A 85 -15.38 -1.96 -15.61
C GLY A 85 -15.40 -2.61 -14.24
N MET A 86 -14.22 -2.84 -13.68
CA MET A 86 -14.13 -3.45 -12.37
C MET A 86 -14.64 -2.40 -11.35
N PRO A 87 -14.19 -1.14 -11.47
CA PRO A 87 -14.66 -0.11 -10.52
C PRO A 87 -16.17 0.09 -10.59
N TRP A 88 -16.77 -0.23 -11.74
CA TRP A 88 -18.21 -0.07 -11.86
C TRP A 88 -18.94 -1.27 -11.28
N ARG A 89 -18.33 -2.45 -11.44
CA ARG A 89 -18.91 -3.68 -10.94
C ARG A 89 -18.87 -3.69 -9.41
N ARG A 90 -17.87 -3.02 -8.85
CA ARG A 90 -17.70 -3.02 -7.40
C ARG A 90 -18.19 -1.81 -6.61
N SER A 91 -18.69 -0.77 -7.24
CA SER A 91 -19.14 0.37 -6.45
C SER A 91 -20.64 0.63 -6.38
N PHE A 92 -21.10 1.00 -5.19
CA PHE A 92 -22.50 1.31 -4.95
C PHE A 92 -22.77 2.71 -5.48
N GLY A 93 -23.47 2.78 -6.60
CA GLY A 93 -23.76 4.06 -7.20
C GLY A 93 -23.30 3.99 -8.65
N ASX A 94 -22.95 5.14 -9.21
CA ASX A 94 -22.50 5.21 -10.59
C ASX A 94 -20.96 5.29 -10.70
N ASN A 95 -20.45 5.04 -11.91
CA ASN A 95 -19.02 5.06 -12.20
C ASN A 95 -18.77 5.69 -13.56
N ILE A 96 -17.69 6.46 -13.68
CA ILE A 96 -17.33 7.09 -14.94
C ILE A 96 -15.83 6.88 -15.13
N VAL A 97 -15.36 6.84 -16.36
CA VAL A 97 -13.94 6.58 -16.61
C VAL A 97 -13.20 7.68 -17.36
N TYR A 98 -11.90 7.82 -17.10
CA TYR A 98 -11.08 8.82 -17.78
C TYR A 98 -9.83 8.12 -18.30
N THR A 99 -9.21 8.65 -19.35
CA THR A 99 -8.03 8.04 -19.97
C THR A 99 -6.68 8.72 -19.71
N ASP A 100 -5.61 8.07 -20.16
CA ASP A 100 -4.25 8.60 -20.01
C ASP A 100 -3.80 9.50 -21.16
N TRP A 101 -4.57 9.52 -22.24
CA TRP A 101 -4.24 10.29 -23.44
C TRP A 101 -3.94 11.78 -23.19
N LYS A 102 -4.75 12.41 -22.35
CA LYS A 102 -4.55 13.81 -22.01
C LYS A 102 -4.28 13.95 -20.52
N ARG A 103 -3.37 14.84 -20.15
CA ARG A 103 -3.02 15.04 -18.75
C ARG A 103 -4.09 15.61 -17.85
N ASP A 104 -5.19 16.09 -18.41
CA ASP A 104 -6.23 16.67 -17.57
C ASP A 104 -7.55 15.92 -17.63
N ASN A 105 -7.53 14.74 -18.25
CA ASN A 105 -8.75 13.97 -18.36
C ASN A 105 -9.44 13.67 -17.05
N PHE A 106 -8.69 13.50 -15.98
CA PHE A 106 -9.31 13.24 -14.68
C PHE A 106 -10.12 14.47 -14.25
N TYR A 107 -9.50 15.63 -14.34
CA TYR A 107 -10.17 16.88 -13.95
C TYR A 107 -11.40 17.12 -14.83
N SER A 108 -11.30 16.74 -16.09
CA SER A 108 -12.41 16.91 -17.01
C SER A 108 -13.60 16.13 -16.46
N ALA A 109 -13.33 15.02 -15.78
CA ALA A 109 -14.41 14.18 -15.20
C ALA A 109 -14.99 14.78 -13.94
N VAL A 110 -14.15 15.28 -13.05
CA VAL A 110 -14.65 15.87 -11.82
C VAL A 110 -15.47 17.10 -12.19
N LYS A 111 -15.02 17.81 -13.21
CA LYS A 111 -15.72 19.00 -13.68
C LYS A 111 -17.15 18.61 -14.07
N LYS A 112 -17.30 17.53 -14.85
CA LYS A 112 -18.61 17.08 -15.30
C LYS A 112 -19.58 16.70 -14.19
N LEU A 113 -19.06 16.20 -13.06
CA LEU A 113 -19.91 15.79 -11.94
C LEU A 113 -20.05 16.89 -10.90
N VAL A 114 -19.44 18.04 -11.19
CA VAL A 114 -19.45 19.17 -10.26
C VAL A 114 -20.14 20.40 -10.82
N LYS A 115 -20.69 20.27 -12.03
CA LYS A 115 -21.38 21.39 -12.67
C LYS A 115 -22.19 22.21 -11.67
N GLY A 116 -21.81 23.47 -11.50
CA GLY A 116 -22.57 24.35 -10.62
C GLY A 116 -22.18 24.54 -9.16
N ALA A 117 -21.33 23.69 -8.61
CA ALA A 117 -20.96 23.84 -7.20
C ALA A 117 -20.18 25.12 -6.90
N LYS A 118 -20.36 25.63 -5.68
CA LYS A 118 -19.68 26.82 -5.20
C LYS A 118 -18.75 26.44 -4.06
N GLX A 119 -19.22 25.56 -3.19
CA GLX A 119 -18.42 25.06 -2.07
C GLX A 119 -18.30 23.54 -2.20
N ILE A 120 -17.09 23.02 -2.33
CA ILE A 120 -16.88 21.58 -2.48
C ILE A 120 -16.00 20.99 -1.39
N GLY A 121 -16.39 19.84 -0.88
CA GLY A 121 -15.62 19.19 0.15
C GLY A 121 -14.58 18.22 -0.38
N ILE A 122 -13.33 18.42 0.05
CA ILE A 122 -12.26 17.53 -0.36
C ILE A 122 -11.51 17.12 0.92
N GLU A 123 -10.68 16.11 0.81
CA GLU A 123 -9.94 15.63 1.96
C GLU A 123 -8.64 16.38 2.15
N HIS A 124 -8.68 17.39 3.03
CA HIS A 124 -7.50 18.20 3.31
C HIS A 124 -6.32 17.39 3.81
N ASP A 125 -6.60 16.18 4.31
CA ASP A 125 -5.55 15.33 4.84
C ASP A 125 -5.07 14.27 3.86
N HIS A 126 -5.58 14.31 2.63
CA HIS A 126 -5.15 13.39 1.58
C HIS A 126 -4.75 14.16 0.32
N VAL A 127 -5.39 15.29 0.08
CA VAL A 127 -5.07 16.10 -1.10
C VAL A 127 -3.69 16.74 -0.97
N THR A 128 -2.81 16.46 -1.93
CA THR A 128 -1.46 17.04 -1.88
C THR A 128 -1.49 18.52 -2.30
N LEU A 129 -0.35 19.18 -2.15
CA LEU A 129 -0.25 20.57 -2.56
C LEU A 129 -0.43 20.68 -4.08
N ASX A 130 0.17 19.77 -4.83
CA ASX A 130 0.04 19.78 -6.29
C ASX A 130 -1.37 19.51 -6.73
N HIS A 131 -1.97 18.48 -6.15
CA HIS A 131 -3.34 18.09 -6.49
C HIS A 131 -4.31 19.25 -6.25
N ARG A 132 -4.07 19.98 -5.18
CA ARG A 132 -4.92 21.13 -4.83
C ARG A 132 -4.74 22.22 -5.88
N ARG A 133 -3.51 22.43 -6.34
CA ARG A 133 -3.26 23.45 -7.34
C ARG A 133 -3.98 23.08 -8.65
N GLX A 134 -3.93 21.81 -9.03
CA GLX A 134 -4.57 21.37 -10.25
C GLX A 134 -6.09 21.38 -10.10
N LEU A 135 -6.58 21.23 -8.87
CA LEU A 135 -8.02 21.26 -8.62
C LEU A 135 -8.57 22.69 -8.75
N GLX A 136 -7.77 23.68 -8.34
CA GLX A 136 -8.20 25.08 -8.43
C GLX A 136 -8.24 25.51 -9.90
N LYS A 137 -7.33 24.96 -10.68
CA LYS A 137 -7.24 25.28 -12.10
C LYS A 137 -8.47 24.68 -12.78
N ALA A 138 -8.88 23.52 -12.30
CA ALA A 138 -10.03 22.82 -12.88
C ALA A 138 -11.37 23.33 -12.37
N LEU A 139 -11.38 23.92 -11.17
CA LEU A 139 -12.61 24.43 -10.60
C LEU A 139 -12.39 25.85 -10.11
N PRO A 140 -12.30 26.82 -11.03
CA PRO A 140 -12.08 28.26 -10.86
C PRO A 140 -12.76 29.00 -9.71
N GLY A 141 -14.08 28.95 -9.62
CA GLY A 141 -14.73 29.69 -8.55
C GLY A 141 -15.14 28.90 -7.32
N THR A 142 -14.69 27.64 -7.25
CA THR A 142 -15.03 26.80 -6.14
C THR A 142 -14.20 27.03 -4.90
N GLU A 143 -14.88 27.09 -3.77
CA GLU A 143 -14.24 27.24 -2.47
C GLU A 143 -14.14 25.83 -1.92
N PHE A 144 -12.95 25.44 -1.47
CA PHE A 144 -12.76 24.11 -0.93
C PHE A 144 -12.85 24.09 0.58
N VAL A 145 -13.60 23.13 1.08
CA VAL A 145 -13.80 22.98 2.51
C VAL A 145 -13.44 21.54 2.87
N ASP A 146 -12.94 21.34 4.09
CA ASP A 146 -12.54 20.00 4.52
C ASP A 146 -13.71 19.11 4.90
N VAL A 147 -13.66 17.88 4.41
CA VAL A 147 -14.66 16.86 4.71
C VAL A 147 -13.94 15.67 5.32
N GLY A 148 -12.61 15.73 5.29
CA GLY A 148 -11.78 14.68 5.82
C GLY A 148 -12.03 14.38 7.30
N GLX A 149 -11.90 15.40 8.14
CA GLX A 149 -12.14 15.21 9.55
C GLX A 149 -13.58 14.75 9.80
N PRO A 150 -14.58 15.44 9.22
CA PRO A 150 -15.97 15.04 9.43
C PRO A 150 -16.26 13.57 9.09
N VAL A 151 -15.67 13.05 8.01
CA VAL A 151 -15.90 11.65 7.66
C VAL A 151 -15.33 10.78 8.76
N MET A 152 -14.08 11.08 9.12
CA MET A 152 -13.36 10.35 10.14
C MET A 152 -14.21 10.15 11.39
N TRP A 153 -14.77 11.23 11.92
CA TRP A 153 -15.61 11.12 13.10
C TRP A 153 -16.83 10.24 12.82
N GLX A 154 -17.46 10.43 11.68
CA GLX A 154 -18.64 9.63 11.37
C GLX A 154 -18.30 8.14 11.21
N ARG A 155 -17.08 7.84 10.78
CA ARG A 155 -16.68 6.45 10.58
C ARG A 155 -16.29 5.73 11.87
N VAL A 156 -16.03 6.48 12.94
CA VAL A 156 -15.65 5.87 14.20
C VAL A 156 -16.77 5.02 14.78
N ILE A 157 -18.00 5.29 14.37
CA ILE A 157 -19.14 4.51 14.86
C ILE A 157 -19.49 3.46 13.81
N LYS A 158 -19.29 2.19 14.13
CA LYS A 158 -19.59 1.13 13.19
C LYS A 158 -21.02 0.65 13.29
N SER A 159 -21.58 0.30 12.14
CA SER A 159 -22.94 -0.20 12.08
C SER A 159 -22.89 -1.68 12.42
N SER A 160 -24.06 -2.29 12.59
CA SER A 160 -24.12 -3.72 12.90
C SER A 160 -23.54 -4.55 11.76
N GLU A 161 -23.70 -4.06 10.53
CA GLU A 161 -23.18 -4.77 9.37
C GLU A 161 -21.65 -4.71 9.35
N GLU A 162 -21.11 -3.54 9.65
CA GLU A 162 -19.67 -3.37 9.69
C GLU A 162 -19.18 -4.25 10.82
N GLX A 163 -19.92 -4.19 11.94
CA GLX A 163 -19.62 -4.97 13.13
C GLX A 163 -19.61 -6.46 12.77
N ASX A 164 -20.61 -6.86 11.98
CA ASX A 164 -20.76 -8.23 11.53
C ASX A 164 -19.53 -8.68 10.73
N LEU A 165 -19.07 -7.83 9.83
CA LEU A 165 -17.92 -8.13 8.99
C LEU A 165 -16.61 -8.22 9.76
N ILE A 166 -16.42 -7.28 10.67
CA ILE A 166 -15.21 -7.25 11.48
C ILE A 166 -15.16 -8.54 12.30
N ARG A 167 -16.31 -8.95 12.82
CA ARG A 167 -16.41 -10.17 13.61
C ARG A 167 -15.93 -11.35 12.75
N GLX A 168 -16.28 -11.34 11.48
CA GLX A 168 -15.91 -12.38 10.52
C GLX A 168 -14.39 -12.36 10.27
N GLY A 169 -13.83 -11.16 10.23
CA GLY A 169 -12.39 -11.03 10.01
C GLY A 169 -11.63 -11.56 11.20
N ALA A 170 -12.17 -11.34 12.39
CA ALA A 170 -11.53 -11.80 13.62
C ALA A 170 -11.45 -13.32 13.60
N ARG A 171 -12.49 -13.93 13.06
CA ARG A 171 -12.51 -15.38 12.97
C ARG A 171 -11.33 -15.82 12.11
N ILE A 172 -11.25 -15.27 10.90
CA ILE A 172 -10.14 -15.62 10.01
C ILE A 172 -8.80 -15.31 10.68
N SER A 173 -8.75 -14.24 11.47
CA SER A 173 -7.51 -13.89 12.16
C SER A 173 -7.12 -15.10 13.03
N ASP A 174 -8.10 -15.75 13.64
CA ASP A 174 -7.78 -16.91 14.46
C ASP A 174 -7.36 -18.11 13.62
N ILE A 175 -7.94 -18.26 12.43
CA ILE A 175 -7.56 -19.37 11.57
C ILE A 175 -6.07 -19.24 11.24
N GLY A 176 -5.67 -18.02 10.87
CA GLY A 176 -4.28 -17.78 10.55
C GLY A 176 -3.44 -18.02 11.80
N GLY A 177 -3.93 -17.51 12.93
CA GLY A 177 -3.24 -17.68 14.18
C GLY A 177 -2.85 -19.13 14.38
N ALA A 178 -3.81 -20.03 14.13
CA ALA A 178 -3.56 -21.46 14.28
C ALA A 178 -2.52 -21.95 13.28
N ALA A 179 -2.53 -21.44 12.06
CA ALA A 179 -1.55 -21.89 11.06
C ALA A 179 -0.10 -21.51 11.43
N THR A 180 0.11 -20.30 11.96
CA THR A 180 1.47 -19.88 12.33
C THR A 180 2.02 -20.87 13.35
N ALA A 181 1.26 -21.02 14.44
CA ALA A 181 1.63 -21.91 15.54
C ALA A 181 2.08 -23.27 15.01
N ALA A 182 1.31 -23.82 14.09
CA ALA A 182 1.62 -25.12 13.52
C ALA A 182 2.91 -25.12 12.71
N ALA A 183 3.29 -23.96 12.16
CA ALA A 183 4.49 -23.86 11.34
C ALA A 183 5.79 -23.62 12.11
N ILE A 184 5.68 -23.13 13.33
CA ILE A 184 6.84 -22.82 14.15
C ILE A 184 7.77 -23.99 14.46
N SER A 185 9.05 -23.80 14.16
CA SER A 185 10.07 -24.80 14.41
C SER A 185 11.45 -24.19 14.37
N ALA A 186 12.32 -24.65 15.25
CA ALA A 186 13.69 -24.15 15.24
C ALA A 186 14.20 -24.59 13.87
N GLY A 187 14.83 -23.67 13.14
CA GLY A 187 15.36 -24.04 11.84
C GLY A 187 14.56 -23.54 10.65
N VAL A 188 13.31 -23.16 10.87
CA VAL A 188 12.48 -22.67 9.76
C VAL A 188 12.63 -21.15 9.55
N PRO A 189 12.76 -20.71 8.29
CA PRO A 189 12.90 -19.27 7.97
C PRO A 189 11.58 -18.55 8.24
N GLU A 190 11.65 -17.30 8.64
CA GLU A 190 10.45 -16.54 8.93
C GLU A 190 9.47 -16.56 7.77
N TYR A 191 9.99 -16.29 6.58
CA TYR A 191 9.16 -16.23 5.41
C TYR A 191 8.37 -17.51 5.13
N GLU A 192 8.88 -18.65 5.59
CA GLU A 192 8.15 -19.91 5.41
C GLU A 192 6.90 -19.94 6.30
N VAL A 193 7.04 -19.43 7.52
CA VAL A 193 5.90 -19.39 8.43
C VAL A 193 4.84 -18.44 7.86
N ALA A 194 5.27 -17.26 7.40
CA ALA A 194 4.36 -16.28 6.82
C ALA A 194 3.57 -16.90 5.67
N ILE A 195 4.28 -17.56 4.75
CA ILE A 195 3.61 -18.19 3.62
C ILE A 195 2.53 -19.17 4.10
N ALA A 196 2.88 -20.01 5.07
CA ALA A 196 1.93 -20.98 5.59
C ALA A 196 0.69 -20.28 6.13
N THR A 197 0.90 -19.22 6.89
CA THR A 197 -0.19 -18.46 7.50
C THR A 197 -1.05 -17.68 6.52
N THR A 198 -0.44 -16.88 5.65
CA THR A 198 -1.19 -16.11 4.68
C THR A 198 -2.03 -17.04 3.79
N ASX A 199 -1.42 -18.11 3.32
CA ASX A 199 -2.16 -19.05 2.48
C ASX A 199 -3.39 -19.53 3.24
N ALA A 200 -3.22 -19.83 4.51
CA ALA A 200 -4.33 -20.30 5.33
C ALA A 200 -5.50 -19.32 5.27
N MET A 201 -5.23 -18.05 5.57
CA MET A 201 -6.28 -17.05 5.57
C MET A 201 -6.88 -16.76 4.20
N VAL A 202 -6.03 -16.64 3.17
CA VAL A 202 -6.55 -16.37 1.84
C VAL A 202 -7.58 -17.43 1.48
N ARG A 203 -7.21 -18.71 1.64
CA ARG A 203 -8.12 -19.80 1.31
C ARG A 203 -9.40 -19.71 2.12
N GLX A 204 -9.25 -19.47 3.43
CA GLX A 204 -10.40 -19.34 4.30
C GLX A 204 -11.30 -18.22 3.80
N ILE A 205 -10.73 -17.05 3.51
CA ILE A 205 -11.50 -15.92 3.00
C ILE A 205 -12.22 -16.29 1.69
N ALA A 206 -11.50 -16.89 0.76
CA ALA A 206 -12.07 -17.26 -0.53
C ALA A 206 -13.28 -18.17 -0.36
N ARG A 207 -13.29 -18.93 0.73
CA ARG A 207 -14.34 -19.90 1.03
C ARG A 207 -15.62 -19.37 1.68
N ASX A 208 -15.53 -18.28 2.44
CA ASX A 208 -16.70 -17.75 3.14
C ASX A 208 -17.54 -16.71 2.44
N PHE A 209 -17.16 -16.33 1.22
CA PHE A 209 -17.92 -15.33 0.50
C PHE A 209 -18.24 -15.91 -0.86
N PRO A 210 -19.47 -15.71 -1.33
CA PRO A 210 -19.88 -16.22 -2.64
C PRO A 210 -18.87 -15.66 -3.62
N TYR A 211 -18.63 -14.36 -3.45
CA TYR A 211 -17.68 -13.64 -4.26
C TYR A 211 -16.84 -12.83 -3.31
N VAL A 212 -15.58 -12.63 -3.65
CA VAL A 212 -14.69 -11.85 -2.80
C VAL A 212 -13.36 -11.62 -3.49
N GLU A 213 -12.69 -10.53 -3.10
CA GLU A 213 -11.40 -10.23 -3.68
C GLU A 213 -10.28 -10.49 -2.68
N LEU A 214 -9.41 -11.43 -3.01
CA LEU A 214 -8.29 -11.73 -2.14
C LEU A 214 -7.25 -10.64 -2.40
N MET A 215 -7.11 -9.73 -1.43
CA MET A 215 -6.18 -8.60 -1.52
C MET A 215 -5.44 -8.34 -0.22
N ASP A 216 -4.29 -7.69 -0.36
CA ASP A 216 -3.43 -7.27 0.73
C ASP A 216 -3.26 -8.12 1.97
N THR A 217 -4.08 -9.15 2.16
CA THR A 217 -3.96 -10.00 3.34
C THR A 217 -2.48 -10.35 3.49
N TRP A 218 -1.96 -10.22 4.71
CA TRP A 218 -0.56 -10.52 4.94
C TRP A 218 -0.28 -10.99 6.35
N ILE A 219 0.92 -11.51 6.56
CA ILE A 219 1.34 -11.99 7.85
C ILE A 219 2.66 -11.34 8.18
N TRP A 220 2.85 -11.03 9.46
CA TRP A 220 4.11 -10.48 9.92
C TRP A 220 4.54 -11.44 10.99
N PHE A 221 5.50 -12.29 10.67
CA PHE A 221 6.02 -13.24 11.63
C PHE A 221 7.45 -12.81 11.89
N GLN A 222 7.71 -12.34 13.09
CA GLN A 222 9.03 -11.85 13.46
C GLN A 222 9.72 -12.74 14.50
N SER A 223 11.03 -12.92 14.36
CA SER A 223 11.79 -13.73 15.29
C SER A 223 12.99 -12.92 15.77
N GLY A 224 13.33 -13.05 17.05
CA GLY A 224 14.46 -12.33 17.59
C GLY A 224 14.36 -10.81 17.46
N ILE A 225 15.48 -10.19 17.14
CA ILE A 225 15.54 -8.74 17.00
C ILE A 225 14.46 -8.18 16.07
N ASN A 226 14.03 -8.97 15.09
CA ASN A 226 13.00 -8.51 14.16
C ASN A 226 11.71 -8.14 14.89
N THR A 227 11.59 -8.57 16.14
CA THR A 227 10.40 -8.26 16.92
C THR A 227 10.46 -6.89 17.59
N ASP A 228 11.56 -6.17 17.43
CA ASP A 228 11.69 -4.87 18.08
C ASP A 228 10.82 -3.76 17.47
N GLY A 229 10.18 -4.08 16.35
CA GLY A 229 9.30 -3.13 15.67
C GLY A 229 8.03 -3.85 15.23
N ALA A 230 6.88 -3.40 15.71
CA ALA A 230 5.60 -4.06 15.39
C ALA A 230 5.26 -4.17 13.91
N HIS A 231 5.85 -3.34 13.08
CA HIS A 231 5.56 -3.38 11.66
C HIS A 231 6.74 -3.85 10.82
N ASN A 232 7.70 -4.52 11.45
CA ASN A 232 8.87 -5.00 10.74
C ASN A 232 8.51 -6.08 9.73
N PRO A 233 9.02 -5.97 8.51
CA PRO A 233 8.74 -6.93 7.44
C PRO A 233 9.33 -8.30 7.69
N VAL A 234 8.71 -9.30 7.10
CA VAL A 234 9.19 -10.66 7.21
C VAL A 234 10.58 -10.66 6.59
N THR A 235 11.48 -11.45 7.15
CA THR A 235 12.83 -11.53 6.60
C THR A 235 13.13 -13.00 6.37
N ASX A 236 14.34 -13.31 5.93
CA ASX A 236 14.72 -14.69 5.68
C ASX A 236 15.51 -15.26 6.85
N ARG A 237 15.42 -14.60 8.01
CA ARG A 237 16.13 -15.04 9.19
C ARG A 237 15.64 -16.40 9.66
N VAL A 238 16.57 -17.25 10.08
CA VAL A 238 16.23 -18.57 10.58
C VAL A 238 15.76 -18.43 12.02
N VAL A 239 14.70 -19.13 12.38
CA VAL A 239 14.21 -19.08 13.75
C VAL A 239 15.02 -20.04 14.61
N GLX A 240 15.45 -19.60 15.79
CA GLX A 240 16.25 -20.42 16.69
C GLX A 240 15.49 -20.81 17.96
N ARG A 241 15.92 -21.89 18.62
CA ARG A 241 15.26 -22.31 19.85
C ARG A 241 15.45 -21.25 20.92
N GLY A 242 14.35 -20.88 21.57
CA GLY A 242 14.42 -19.88 22.62
C GLY A 242 14.01 -18.51 22.08
N ASP A 243 14.14 -18.32 20.77
CA ASP A 243 13.77 -17.03 20.18
C ASP A 243 12.40 -16.54 20.57
N ILE A 244 12.30 -15.24 20.79
CA ILE A 244 11.03 -14.60 21.10
C ILE A 244 10.40 -14.43 19.71
N LEU A 245 9.10 -14.64 19.59
CA LEU A 245 8.45 -14.54 18.30
C LEU A 245 7.25 -13.61 18.35
N SER A 246 6.78 -13.20 17.18
CA SER A 246 5.62 -12.33 17.12
C SER A 246 4.70 -12.78 15.99
N LEU A 247 3.51 -13.24 16.35
CA LEU A 247 2.52 -13.68 15.37
C LEU A 247 1.58 -12.49 15.07
N ASN A 248 1.46 -12.16 13.81
CA ASN A 248 0.62 -11.04 13.38
C ASN A 248 -0.24 -11.43 12.20
N CYS A 249 -1.54 -11.39 12.37
CA CYS A 249 -2.46 -11.73 11.30
C CYS A 249 -3.26 -10.56 10.81
N PHE A 250 -3.26 -10.36 9.51
CA PHE A 250 -4.00 -9.24 8.95
C PHE A 250 -4.79 -9.65 7.72
N PRO A 251 -5.99 -10.21 7.93
CA PRO A 251 -6.76 -10.58 6.75
C PRO A 251 -7.59 -9.37 6.32
N MET A 252 -7.47 -8.97 5.06
CA MET A 252 -8.22 -7.83 4.54
C MET A 252 -9.45 -8.33 3.78
N ILE A 253 -10.63 -8.00 4.29
CA ILE A 253 -11.87 -8.42 3.63
C ILE A 253 -12.71 -7.21 3.21
N PHE A 254 -12.88 -7.04 1.90
CA PHE A 254 -13.65 -5.92 1.37
C PHE A 254 -13.20 -4.61 1.97
N GLY A 255 -11.88 -4.44 2.06
CA GLY A 255 -11.32 -3.20 2.58
C GLY A 255 -11.16 -3.06 4.07
N TYR A 256 -11.91 -3.85 4.83
CA TYR A 256 -11.83 -3.77 6.28
C TYR A 256 -10.68 -4.58 6.83
N TYR A 257 -10.06 -4.01 7.86
CA TYR A 257 -8.91 -4.57 8.52
C TYR A 257 -9.22 -5.18 9.89
N THR A 258 -8.62 -6.33 10.17
CA THR A 258 -8.75 -6.98 11.48
C THR A 258 -7.39 -7.59 11.70
N ALA A 259 -7.03 -7.79 12.96
CA ALA A 259 -5.73 -8.34 13.24
C ALA A 259 -5.72 -9.16 14.49
N LEU A 260 -4.72 -10.02 14.57
CA LEU A 260 -4.50 -10.87 15.74
C LEU A 260 -3.00 -10.76 15.90
N GLU A 261 -2.58 -10.33 17.08
CA GLU A 261 -1.15 -10.19 17.36
C GLU A 261 -0.87 -10.87 18.69
N ARG A 262 0.04 -11.82 18.68
CA ARG A 262 0.34 -12.52 19.89
C ARG A 262 1.83 -12.79 20.04
N THR A 263 2.32 -12.76 21.26
CA THR A 263 3.72 -13.04 21.52
C THR A 263 3.80 -14.57 21.62
N LEU A 264 4.89 -15.13 21.14
CA LEU A 264 5.11 -16.57 21.18
C LEU A 264 6.59 -16.81 21.45
N PHE A 265 6.93 -18.04 21.79
CA PHE A 265 8.32 -18.40 22.03
C PHE A 265 8.56 -19.78 21.44
N LEU A 266 9.74 -20.00 20.89
CA LEU A 266 10.10 -21.29 20.29
C LEU A 266 10.74 -22.22 21.31
N GLX A 267 10.19 -23.43 21.45
CA GLX A 267 10.70 -24.42 22.38
C GLX A 267 10.53 -24.00 23.85
N GLX A 268 11.36 -23.05 24.27
CA GLX A 268 11.30 -22.59 25.65
C GLX A 268 11.55 -21.09 25.82
N VAL A 269 11.15 -20.55 26.97
CA VAL A 269 11.35 -19.15 27.26
C VAL A 269 12.25 -19.05 28.49
N ASX A 270 13.12 -18.04 28.54
CA ASX A 270 14.02 -17.87 29.68
C ASX A 270 13.35 -17.03 30.75
N ASP A 271 13.88 -17.10 31.98
CA ASP A 271 13.30 -16.34 33.09
C ASP A 271 13.13 -14.87 32.82
N ALA A 272 14.18 -14.22 32.32
CA ALA A 272 14.13 -12.79 32.04
C ALA A 272 12.98 -12.47 31.09
N SER A 273 12.93 -13.19 29.97
CA SER A 273 11.86 -12.97 28.99
C SER A 273 10.49 -13.33 29.56
N LEU A 274 10.41 -14.47 30.24
CA LEU A 274 9.16 -14.91 30.85
C LEU A 274 8.64 -13.80 31.77
N GLX A 275 9.58 -13.22 32.51
CA GLX A 275 9.30 -12.15 33.44
C GLX A 275 8.57 -10.97 32.78
N ILE A 276 9.17 -10.44 31.73
CA ILE A 276 8.56 -9.31 31.04
C ILE A 276 7.26 -9.73 30.34
N TRP A 277 7.26 -10.91 29.75
CA TRP A 277 6.08 -11.40 29.05
C TRP A 277 4.85 -11.38 29.96
N GLX A 278 4.97 -11.89 31.17
CA GLX A 278 3.83 -11.91 32.09
C GLX A 278 3.40 -10.52 32.56
N LYS A 279 4.36 -9.62 32.75
CA LYS A 279 4.01 -8.27 33.17
C LYS A 279 3.23 -7.56 32.07
N ASN A 280 3.64 -7.76 30.82
CA ASN A 280 2.95 -7.14 29.69
C ASN A 280 1.55 -7.74 29.61
N THR A 281 1.44 -9.04 29.82
CA THR A 281 0.15 -9.72 29.79
C THR A 281 -0.78 -9.16 30.87
N ALA A 282 -0.20 -8.82 32.02
CA ALA A 282 -1.00 -8.27 33.12
C ALA A 282 -1.59 -6.92 32.72
N VAL A 283 -0.80 -6.12 32.00
CA VAL A 283 -1.25 -4.81 31.55
C VAL A 283 -2.36 -5.05 30.53
N HIS A 284 -2.20 -6.07 29.70
CA HIS A 284 -3.20 -6.40 28.70
C HIS A 284 -4.54 -6.64 29.37
N ARG A 285 -4.58 -7.53 30.35
CA ARG A 285 -5.81 -7.86 31.06
C ARG A 285 -6.45 -6.62 31.66
N ARG A 286 -5.62 -5.71 32.17
CA ARG A 286 -6.14 -4.49 32.75
C ARG A 286 -6.73 -3.62 31.63
N GLY A 287 -6.01 -3.57 30.51
CA GLY A 287 -6.48 -2.80 29.39
C GLY A 287 -7.83 -3.26 28.91
N LEU A 288 -8.03 -4.58 28.84
CA LEU A 288 -9.29 -5.15 28.39
C LEU A 288 -10.47 -4.78 29.28
N GLX A 289 -10.18 -4.38 30.52
CA GLX A 289 -11.23 -4.01 31.47
C GLX A 289 -11.55 -2.53 31.41
N LEU A 290 -10.59 -1.73 30.97
CA LEU A 290 -10.79 -0.29 30.90
C LEU A 290 -11.59 0.17 29.70
N ILE A 291 -11.68 -0.65 28.66
CA ILE A 291 -12.44 -0.27 27.48
C ILE A 291 -13.94 -0.26 27.80
N LYS A 292 -14.53 0.94 27.87
CA LYS A 292 -15.94 1.07 28.17
C LYS A 292 -16.51 2.40 27.66
N PRO A 293 -17.81 2.41 27.34
CA PRO A 293 -18.40 3.66 26.85
C PRO A 293 -18.27 4.74 27.91
N GLY A 294 -17.90 5.94 27.49
CA GLY A 294 -17.76 7.03 28.44
C GLY A 294 -16.33 7.28 28.90
N ALA A 295 -15.44 6.30 28.69
CA ALA A 295 -14.05 6.45 29.09
C ALA A 295 -13.26 7.30 28.10
N ARG A 296 -12.41 8.20 28.61
CA ARG A 296 -11.59 9.05 27.74
C ARG A 296 -10.33 8.26 27.36
N CYS A 297 -9.93 8.38 26.10
CA CYS A 297 -8.74 7.68 25.60
C CYS A 297 -7.51 7.82 26.48
N LYS A 298 -7.16 9.07 26.80
CA LYS A 298 -5.98 9.32 27.61
C LYS A 298 -6.09 8.73 29.00
N ASP A 299 -7.27 8.78 29.61
CA ASP A 299 -7.42 8.22 30.95
C ASP A 299 -6.98 6.76 30.95
N ILE A 300 -7.43 6.02 29.94
CA ILE A 300 -7.07 4.61 29.80
C ILE A 300 -5.55 4.47 29.71
N ALA A 301 -4.91 5.32 28.90
CA ALA A 301 -3.47 5.30 28.72
C ALA A 301 -2.73 5.69 30.00
N SER A 302 -3.30 6.64 30.74
CA SER A 302 -2.67 7.09 31.98
C SER A 302 -2.72 6.01 33.06
N GLU A 303 -3.85 5.32 33.18
CA GLU A 303 -3.96 4.28 34.19
C GLU A 303 -2.97 3.16 33.89
N LEU A 304 -2.98 2.65 32.67
CA LEU A 304 -2.07 1.58 32.31
C LEU A 304 -0.62 1.98 32.52
N ASN A 305 -0.27 3.22 32.19
CA ASN A 305 1.10 3.69 32.37
C ASN A 305 1.59 3.42 33.78
N ASX A 306 0.69 3.56 34.76
CA ASX A 306 1.08 3.33 36.14
C ASX A 306 1.65 1.95 36.39
N MET A 307 0.94 0.90 35.97
CA MET A 307 1.44 -0.46 36.17
C MET A 307 2.85 -0.61 35.63
N TYR A 308 3.09 -0.05 34.45
CA TYR A 308 4.42 -0.11 33.85
C TYR A 308 5.40 0.61 34.77
N ARG A 309 4.99 1.77 35.25
CA ARG A 309 5.84 2.57 36.12
C ARG A 309 6.30 1.78 37.36
N GLX A 310 5.39 0.99 37.94
CA GLX A 310 5.71 0.18 39.11
C GLX A 310 6.89 -0.73 38.81
N TRP A 311 6.80 -1.47 37.70
CA TRP A 311 7.86 -2.39 37.33
C TRP A 311 8.94 -1.67 36.55
N ASP A 312 8.90 -0.34 36.61
CA ASP A 312 9.87 0.47 35.88
C ASP A 312 10.07 0.01 34.44
N LEU A 313 8.98 -0.21 33.71
CA LEU A 313 9.04 -0.63 32.31
C LEU A 313 8.53 0.47 31.38
N LEU A 314 7.99 1.53 31.97
CA LEU A 314 7.43 2.64 31.20
C LEU A 314 8.32 3.14 30.06
N ARG A 315 9.60 3.34 30.33
CA ARG A 315 10.53 3.84 29.33
C ARG A 315 10.76 2.88 28.16
N TYR A 316 10.18 1.69 28.22
CA TYR A 316 10.34 0.71 27.16
C TYR A 316 9.10 0.55 26.29
N ARG A 317 8.08 1.36 26.56
CA ARG A 317 6.85 1.29 25.76
C ARG A 317 7.19 1.76 24.36
N THR A 318 6.58 1.10 23.37
CA THR A 318 6.86 1.44 21.99
C THR A 318 5.83 2.31 21.27
N PHE A 319 4.54 2.14 21.58
CA PHE A 319 3.50 2.95 20.94
C PHE A 319 2.16 2.97 21.65
N GLY A 320 1.21 3.73 21.09
CA GLY A 320 -0.11 3.84 21.66
C GLY A 320 -0.77 2.50 21.92
N TYR A 321 -1.62 2.45 22.93
CA TYR A 321 -2.32 1.22 23.33
C TYR A 321 -3.36 0.68 22.37
N GLY A 322 -3.95 1.55 21.57
CA GLY A 322 -4.97 1.08 20.64
C GLY A 322 -5.48 2.13 19.70
N HIS A 323 -6.05 1.67 18.60
CA HIS A 323 -6.56 2.56 17.56
C HIS A 323 -7.95 2.11 17.12
N SER A 324 -8.62 2.97 16.35
CA SER A 324 -9.96 2.65 15.84
C SER A 324 -9.85 1.66 14.69
N PHE A 325 -10.93 0.93 14.41
CA PHE A 325 -10.88 -0.01 13.31
C PHE A 325 -11.79 0.43 12.18
N GLY A 326 -12.18 -0.50 11.31
CA GLY A 326 -13.04 -0.15 10.20
C GLY A 326 -12.28 -0.19 8.90
N VAL A 327 -12.35 0.90 8.15
CA VAL A 327 -11.68 0.97 6.86
C VAL A 327 -10.27 1.53 6.95
N LEU A 328 -9.29 0.64 7.05
CA LEU A 328 -7.91 1.03 7.12
C LEU A 328 -7.05 -0.16 6.77
N ASX A 329 -5.76 0.08 6.58
CA ASX A 329 -4.81 -0.96 6.24
C ASX A 329 -3.45 -0.34 6.54
N HIS A 330 -2.37 -0.98 6.16
CA HIS A 330 -1.06 -0.39 6.42
C HIS A 330 -0.80 0.80 5.48
N TYR A 331 -1.50 0.86 4.35
CA TYR A 331 -1.28 1.99 3.43
C TYR A 331 -2.44 2.97 3.26
N TYR A 332 -3.43 2.93 4.14
CA TYR A 332 -4.57 3.85 4.05
C TYR A 332 -5.44 3.88 5.30
N GLY A 333 -6.28 4.91 5.38
CA GLY A 333 -7.19 5.07 6.50
C GLY A 333 -6.61 5.25 7.90
N ARG A 334 -7.47 5.00 8.88
CA ARG A 334 -7.19 5.10 10.31
C ARG A 334 -7.74 6.40 10.87
N GLU A 335 -8.76 6.28 11.71
CA GLU A 335 -9.39 7.45 12.33
C GLU A 335 -8.54 8.01 13.48
N ALA A 336 -7.69 8.99 13.16
CA ALA A 336 -6.82 9.59 14.18
C ALA A 336 -7.56 10.10 15.40
N GLY A 337 -8.87 10.27 15.27
CA GLY A 337 -9.68 10.77 16.38
C GLY A 337 -9.69 9.83 17.57
N VAL A 338 -9.61 8.54 17.31
CA VAL A 338 -9.63 7.56 18.39
C VAL A 338 -8.28 6.86 18.53
N GLU A 339 -7.47 7.35 19.45
CA GLU A 339 -6.16 6.79 19.72
C GLU A 339 -5.95 6.76 21.24
N LEU A 340 -5.64 5.58 21.77
CA LEU A 340 -5.41 5.43 23.20
C LEU A 340 -4.06 6.05 23.52
N ARG A 341 -3.99 7.36 23.34
CA ARG A 341 -2.77 8.11 23.61
C ARG A 341 -2.97 9.13 24.74
N GLU A 342 -1.87 9.38 25.44
CA GLU A 342 -1.83 10.27 26.59
C GLU A 342 -2.49 11.64 26.49
N ASP A 343 -2.54 12.23 25.30
CA ASP A 343 -3.15 13.55 25.17
C ASP A 343 -4.42 13.61 24.32
N ILE A 344 -5.07 12.46 24.13
CA ILE A 344 -6.31 12.39 23.35
C ILE A 344 -7.50 12.24 24.31
N GLX A 345 -8.29 13.29 24.51
CA GLX A 345 -9.43 13.19 25.44
C GLX A 345 -10.72 12.67 24.84
N THR A 346 -10.62 12.19 23.61
CA THR A 346 -11.77 11.64 22.90
C THR A 346 -12.45 10.59 23.78
N VAL A 347 -13.78 10.70 23.87
CA VAL A 347 -14.58 9.77 24.66
C VAL A 347 -14.99 8.56 23.85
N LEU A 348 -14.88 7.37 24.43
CA LEU A 348 -15.28 6.14 23.73
C LEU A 348 -16.80 6.05 23.74
N GLU A 349 -17.36 5.80 22.55
CA GLU A 349 -18.81 5.72 22.41
C GLU A 349 -19.25 4.36 21.91
N PRO A 350 -20.51 3.99 22.22
CA PRO A 350 -21.05 2.70 21.78
C PRO A 350 -21.00 2.67 20.25
N GLY A 351 -20.51 1.57 19.70
CA GLY A 351 -20.42 1.44 18.25
C GLY A 351 -18.99 1.49 17.77
N MET A 352 -18.09 2.06 18.57
CA MET A 352 -16.70 2.13 18.19
C MET A 352 -16.09 0.76 18.28
N VAL A 353 -14.98 0.54 17.57
CA VAL A 353 -14.29 -0.74 17.58
C VAL A 353 -12.83 -0.44 17.76
N VAL A 354 -12.35 -0.51 19.00
CA VAL A 354 -10.96 -0.22 19.26
C VAL A 354 -10.18 -1.47 19.59
N SER A 355 -8.88 -1.31 19.79
CA SER A 355 -8.02 -2.43 20.10
C SER A 355 -7.25 -2.15 21.37
N MET A 356 -6.70 -3.20 21.95
CA MET A 356 -5.87 -3.08 23.14
C MET A 356 -4.65 -3.89 22.76
N GLU A 357 -3.52 -3.19 22.61
CA GLU A 357 -2.28 -3.86 22.21
C GLU A 357 -1.06 -3.29 22.90
N PRO A 358 -0.91 -3.59 24.19
CA PRO A 358 0.25 -3.09 24.93
C PRO A 358 1.56 -3.72 24.47
N MET A 359 2.56 -2.88 24.22
CA MET A 359 3.86 -3.35 23.78
C MET A 359 5.04 -2.60 24.37
N VAL A 360 6.04 -3.36 24.79
CA VAL A 360 7.28 -2.81 25.33
C VAL A 360 8.35 -3.51 24.52
N MET A 361 9.46 -2.83 24.30
CA MET A 361 10.55 -3.43 23.55
C MET A 361 11.83 -3.25 24.34
N ASX A 362 12.56 -4.35 24.50
CA ASX A 362 13.81 -4.33 25.22
C ASX A 362 14.96 -4.41 24.22
N PRO A 363 15.99 -3.57 24.41
CA PRO A 363 17.19 -3.48 23.58
C PRO A 363 18.02 -4.75 23.46
N GLU A 364 18.95 -4.74 22.51
CA GLU A 364 19.85 -5.86 22.29
C GLU A 364 20.89 -5.90 23.40
N GLY A 365 21.28 -7.10 23.81
CA GLY A 365 22.26 -7.23 24.86
C GLY A 365 21.65 -7.19 26.24
N GLU A 366 20.39 -6.79 26.30
CA GLU A 366 19.67 -6.72 27.56
C GLU A 366 18.90 -8.03 27.77
N PRO A 367 18.82 -8.50 29.02
CA PRO A 367 18.08 -9.75 29.25
C PRO A 367 16.63 -9.53 28.84
N GLY A 368 16.05 -10.52 28.15
CA GLY A 368 14.68 -10.40 27.72
C GLY A 368 14.55 -9.53 26.48
N ALA A 369 15.69 -9.25 25.84
CA ALA A 369 15.72 -8.44 24.63
C ALA A 369 14.66 -8.93 23.65
N GLY A 370 13.95 -7.98 23.06
CA GLY A 370 12.92 -8.31 22.10
C GLY A 370 11.70 -7.44 22.29
N GLY A 371 10.68 -7.70 21.47
CA GLY A 371 9.44 -6.93 21.56
C GLY A 371 8.32 -7.82 22.06
N TYR A 372 7.56 -7.31 23.04
CA TYR A 372 6.46 -8.08 23.60
C TYR A 372 5.17 -7.37 23.28
N ARG A 373 4.19 -8.11 22.78
CA ARG A 373 2.92 -7.50 22.40
C ARG A 373 1.76 -8.45 22.21
N GLU A 374 0.62 -8.10 22.80
CA GLU A 374 -0.62 -8.88 22.65
C GLU A 374 -1.62 -7.89 22.00
N HIS A 375 -2.49 -8.38 21.13
CA HIS A 375 -3.44 -7.52 20.45
C HIS A 375 -4.87 -8.06 20.34
N ASP A 376 -5.80 -7.46 21.06
CA ASP A 376 -7.19 -7.87 21.04
C ASP A 376 -8.09 -6.79 20.45
N ILE A 377 -9.24 -7.20 19.92
CA ILE A 377 -10.20 -6.28 19.34
C ILE A 377 -11.49 -6.25 20.16
N LEU A 378 -11.94 -5.06 20.56
CA LEU A 378 -13.15 -4.96 21.36
C LEU A 378 -14.21 -4.05 20.76
N VAL A 379 -15.44 -4.54 20.72
CA VAL A 379 -16.57 -3.77 20.21
C VAL A 379 -17.18 -3.09 21.44
N ILE A 380 -17.30 -1.76 21.41
CA ILE A 380 -17.89 -1.04 22.54
C ILE A 380 -19.41 -1.05 22.43
N LYS A 381 -20.08 -1.35 23.52
CA LYS A 381 -21.54 -1.40 23.53
C LYS A 381 -22.15 -0.36 24.47
N GLU A 382 -23.48 -0.38 24.60
CA GLU A 382 -24.19 0.58 25.44
C GLU A 382 -23.66 0.67 26.86
N ASN A 383 -23.39 -0.49 27.47
CA ASN A 383 -22.92 -0.52 28.84
C ASN A 383 -21.72 -1.42 29.07
N ASX A 384 -20.88 -1.57 28.04
CA ASX A 384 -19.71 -2.44 28.15
C ASX A 384 -19.03 -2.59 26.80
N THR A 385 -18.18 -3.61 26.69
CA THR A 385 -17.46 -3.90 25.45
C THR A 385 -17.24 -5.39 25.29
N GLU A 386 -17.25 -5.85 24.05
CA GLU A 386 -17.06 -7.26 23.76
C GLU A 386 -15.72 -7.54 23.08
N ASN A 387 -14.92 -8.40 23.69
CA ASN A 387 -13.62 -8.79 23.17
C ASN A 387 -13.94 -9.89 22.17
N ILE A 388 -13.63 -9.68 20.89
CA ILE A 388 -13.93 -10.69 19.87
C ILE A 388 -12.73 -11.49 19.37
N THR A 389 -11.61 -11.42 20.10
CA THR A 389 -10.41 -12.17 19.69
C THR A 389 -10.37 -13.49 20.44
N GLY A 390 -10.41 -14.59 19.69
CA GLY A 390 -10.41 -15.89 20.32
C GLY A 390 -9.09 -16.51 20.73
N PHE A 391 -8.07 -16.34 19.90
CA PHE A 391 -6.75 -16.92 20.16
C PHE A 391 -6.18 -16.65 21.56
N PRO A 392 -5.69 -17.70 22.24
CA PRO A 392 -5.13 -17.53 23.59
C PRO A 392 -3.87 -16.67 23.56
N PHE A 393 -3.56 -16.03 24.68
CA PHE A 393 -2.35 -15.23 24.78
C PHE A 393 -1.69 -15.61 26.10
N GLY A 394 -0.40 -15.35 26.21
CA GLY A 394 0.29 -15.67 27.44
C GLY A 394 1.04 -16.99 27.43
N PRO A 395 2.00 -17.16 28.37
CA PRO A 395 2.85 -18.34 28.55
C PRO A 395 2.09 -19.65 28.70
N GLU A 396 0.89 -19.56 29.28
CA GLU A 396 0.05 -20.74 29.52
C GLU A 396 -0.32 -21.48 28.24
N HIS A 397 -0.16 -20.84 27.09
CA HIS A 397 -0.53 -21.47 25.83
C HIS A 397 0.41 -21.20 24.66
N ASN A 398 1.23 -20.17 24.74
CA ASN A 398 2.05 -19.83 23.60
C ASN A 398 3.54 -20.12 23.52
N ILE A 399 3.99 -21.15 24.22
CA ILE A 399 5.38 -21.55 24.12
C ILE A 399 5.25 -22.75 23.18
N ILE A 400 5.54 -22.53 21.91
CA ILE A 400 5.41 -23.57 20.89
C ILE A 400 6.47 -24.66 20.95
N LYS A 401 6.01 -25.89 21.19
CA LYS A 401 6.93 -27.02 21.28
C LYS A 401 6.66 -28.03 20.19
N ALA A 402 6.51 -27.57 18.96
CA ALA A 402 6.27 -28.49 17.87
C ALA A 402 7.62 -28.89 17.28
N ALA B 1 6.73 15.66 31.67
CA ALA B 1 6.37 14.21 31.54
C ALA B 1 7.60 13.33 31.74
N ALA B 2 7.44 12.23 32.46
CA ALA B 2 8.55 11.30 32.72
C ALA B 2 8.76 10.39 31.50
N MET B 3 8.18 10.76 30.37
CA MET B 3 8.28 9.94 29.16
C MET B 3 8.98 10.66 28.02
N ILE B 4 9.89 9.95 27.38
CA ILE B 4 10.66 10.48 26.26
C ILE B 4 9.80 10.75 25.01
N GLX B 5 9.95 11.95 24.46
CA GLX B 5 9.19 12.37 23.27
C GLX B 5 9.96 12.19 21.96
N THR B 6 11.23 12.60 21.95
CA THR B 6 12.10 12.45 20.77
C THR B 6 13.42 11.92 21.28
N GLX B 7 13.75 10.69 20.90
CA GLX B 7 15.01 10.09 21.34
C GLX B 7 15.51 9.18 20.25
N LYS B 8 16.80 8.93 20.21
CA LYS B 8 17.28 8.05 19.17
C LYS B 8 17.76 6.75 19.76
N TYR B 9 17.15 5.64 19.38
CA TYR B 9 17.66 4.39 19.86
C TYR B 9 17.88 3.41 18.73
N HIS B 10 19.17 3.25 18.45
CA HIS B 10 19.71 2.42 17.41
C HIS B 10 19.92 0.99 17.89
N ASN B 11 18.84 0.22 17.94
CA ASN B 11 18.88 -1.17 18.37
C ASN B 11 19.30 -2.06 17.20
N GLY B 12 20.43 -2.75 17.36
CA GLY B 12 20.91 -3.63 16.30
C GLY B 12 22.03 -3.00 15.50
N GLX B 13 22.45 -3.66 14.43
CA GLX B 13 23.53 -3.16 13.57
C GLX B 13 23.01 -2.98 12.16
N LYS B 14 23.67 -2.12 11.40
CA LYS B 14 23.28 -1.86 10.01
C LYS B 14 23.11 -3.16 9.23
N LYS B 15 21.97 -3.31 8.57
CA LYS B 15 21.73 -4.51 7.80
C LYS B 15 22.41 -4.41 6.46
N TYR B 16 22.44 -5.53 5.76
CA TYR B 16 23.01 -5.62 4.43
C TYR B 16 22.13 -4.83 3.48
N THR B 17 22.72 -4.33 2.41
CA THR B 17 21.99 -3.60 1.38
C THR B 17 22.56 -3.99 0.03
N PRO B 18 21.73 -3.99 -1.02
CA PRO B 18 22.24 -4.36 -2.33
C PRO B 18 23.10 -3.24 -2.89
N PHE B 19 22.94 -2.06 -2.30
CA PHE B 19 23.68 -0.89 -2.76
C PHE B 19 24.91 -0.59 -1.95
N SER B 20 25.93 -0.12 -2.65
CA SER B 20 27.20 0.23 -2.06
C SER B 20 27.13 1.60 -1.40
N GLX B 21 28.13 1.88 -0.59
CA GLX B 21 28.19 3.17 0.08
C GLX B 21 28.34 4.26 -0.99
N ALA B 22 29.02 3.94 -2.09
CA ALA B 22 29.21 4.93 -3.16
C ALA B 22 27.87 5.27 -3.81
N GLU B 23 27.06 4.24 -4.06
CA GLU B 23 25.76 4.40 -4.67
C GLU B 23 24.86 5.31 -3.83
N MET B 24 24.73 5.00 -2.54
CA MET B 24 23.90 5.78 -1.63
C MET B 24 24.41 7.21 -1.45
N THR B 25 25.71 7.37 -1.30
CA THR B 25 26.30 8.68 -1.15
C THR B 25 26.02 9.52 -2.40
N ARG B 26 26.02 8.86 -3.55
CA ARG B 26 25.74 9.52 -4.82
C ARG B 26 24.36 10.17 -4.76
N ARG B 27 23.37 9.37 -4.40
CA ARG B 27 22.01 9.86 -4.34
C ARG B 27 21.86 11.03 -3.38
N GLX B 28 22.45 10.93 -2.19
CA GLX B 28 22.34 12.00 -1.22
C GLX B 28 23.09 13.26 -1.65
N ASX B 29 24.15 13.10 -2.43
CA ASX B 29 24.88 14.27 -2.89
C ASX B 29 24.20 14.91 -4.11
N ARG B 30 23.31 14.19 -4.77
CA ARG B 30 22.61 14.76 -5.92
C ARG B 30 21.67 15.85 -5.39
N LEU B 31 21.09 15.58 -4.23
CA LEU B 31 20.19 16.52 -3.58
C LEU B 31 20.98 17.72 -3.10
N ARG B 32 22.05 17.43 -2.37
CA ARG B 32 22.88 18.48 -1.83
C ARG B 32 23.32 19.44 -2.93
N ALA B 33 23.52 18.92 -4.13
CA ALA B 33 23.92 19.76 -5.25
C ALA B 33 22.76 20.68 -5.63
N TRP B 34 21.60 20.07 -5.88
CA TRP B 34 20.41 20.83 -6.25
C TRP B 34 20.08 21.90 -5.21
N MET B 35 20.19 21.54 -3.94
CA MET B 35 19.91 22.49 -2.87
C MET B 35 20.83 23.68 -2.99
N ALA B 36 22.12 23.42 -3.19
CA ALA B 36 23.11 24.48 -3.30
C ALA B 36 22.82 25.46 -4.42
N LYS B 37 22.41 24.93 -5.57
CA LYS B 37 22.09 25.78 -6.72
C LYS B 37 20.75 26.49 -6.58
N SER B 38 19.84 25.95 -5.78
CA SER B 38 18.54 26.58 -5.62
C SER B 38 18.41 27.23 -4.26
N ASX B 39 19.55 27.39 -3.59
CA ASX B 39 19.59 28.04 -2.31
C ASX B 39 18.70 27.45 -1.23
N ILE B 40 18.65 26.12 -1.15
CA ILE B 40 17.84 25.45 -0.15
C ILE B 40 18.72 25.09 1.04
N ASP B 41 18.19 25.24 2.24
CA ASP B 41 18.96 24.92 3.45
C ASP B 41 18.83 23.45 3.87
N ALA B 42 17.65 22.88 3.71
CA ALA B 42 17.44 21.50 4.08
C ALA B 42 16.26 20.90 3.36
N VAL B 43 16.29 19.58 3.16
CA VAL B 43 15.20 18.91 2.48
C VAL B 43 14.50 17.92 3.38
N LEU B 44 13.18 18.02 3.41
CA LEU B 44 12.36 17.13 4.23
C LEU B 44 11.57 16.18 3.35
N PHE B 45 12.11 14.99 3.14
CA PHE B 45 11.42 13.98 2.33
C PHE B 45 10.39 13.30 3.22
N THR B 46 9.24 12.96 2.65
CA THR B 46 8.19 12.35 3.44
C THR B 46 7.47 11.18 2.80
N SER B 47 7.70 10.96 1.50
CA SER B 47 7.03 9.88 0.81
C SER B 47 7.77 8.54 0.95
N TYR B 48 7.09 7.44 0.63
CA TYR B 48 7.68 6.11 0.67
C TYR B 48 8.87 6.07 -0.26
N HIS B 49 8.60 6.37 -1.53
CA HIS B 49 9.60 6.35 -2.58
C HIS B 49 10.83 7.23 -2.40
N ASN B 50 10.67 8.43 -1.85
CA ASN B 50 11.83 9.27 -1.68
C ASN B 50 12.68 8.83 -0.50
N ILE B 51 12.03 8.45 0.59
CA ILE B 51 12.78 8.01 1.73
C ILE B 51 13.50 6.70 1.38
N ASN B 52 12.89 5.87 0.52
CA ASN B 52 13.52 4.61 0.15
C ASN B 52 14.70 4.81 -0.81
N TYR B 53 14.56 5.73 -1.76
CA TYR B 53 15.62 6.01 -2.70
C TYR B 53 16.85 6.59 -1.99
N TYR B 54 16.63 7.60 -1.16
CA TYR B 54 17.71 8.28 -0.46
C TYR B 54 18.26 7.62 0.80
N SER B 55 17.45 6.81 1.48
CA SER B 55 17.91 6.14 2.70
C SER B 55 18.02 4.63 2.55
N GLY B 56 17.35 4.08 1.54
CA GLY B 56 17.37 2.65 1.32
C GLY B 56 16.35 1.91 2.16
N TRP B 57 15.67 2.63 3.06
CA TRP B 57 14.68 2.04 3.94
C TRP B 57 13.25 2.39 3.54
N LEU B 58 12.38 1.38 3.47
CA LEU B 58 10.98 1.55 3.10
C LEU B 58 10.11 1.49 4.35
N TYR B 59 9.52 2.61 4.74
CA TYR B 59 8.69 2.63 5.95
C TYR B 59 7.28 2.06 5.80
N CYS B 60 6.65 1.80 6.94
CA CYS B 60 5.29 1.30 6.99
C CYS B 60 4.47 2.45 7.56
N TYR B 61 3.52 2.95 6.77
CA TYR B 61 2.70 4.08 7.15
C TYR B 61 1.77 3.96 8.36
N PHE B 62 0.73 3.15 8.21
CA PHE B 62 -0.25 2.95 9.27
C PHE B 62 -0.70 4.25 9.95
N GLY B 63 -0.87 5.30 9.16
CA GLY B 63 -1.32 6.58 9.68
C GLY B 63 -0.32 7.54 10.32
N ARG B 64 0.92 7.13 10.50
CA ARG B 64 1.89 8.02 11.14
C ARG B 64 2.77 8.78 10.14
N LYS B 65 3.34 9.87 10.63
CA LYS B 65 4.22 10.72 9.84
C LYS B 65 5.66 10.21 9.86
N TYR B 66 6.31 10.21 8.70
CA TYR B 66 7.68 9.77 8.60
C TYR B 66 8.43 10.76 7.74
N ALA B 67 9.75 10.78 7.87
CA ALA B 67 10.54 11.68 7.05
C ALA B 67 12.03 11.37 7.04
N GLX B 68 12.74 12.20 6.30
CA GLX B 68 14.18 12.12 6.22
C GLX B 68 14.60 13.54 5.88
N VAL B 69 15.54 14.05 6.67
CA VAL B 69 16.05 15.39 6.48
C VAL B 69 17.46 15.31 5.90
N ILE B 70 17.75 16.19 4.95
CA ILE B 70 19.08 16.23 4.34
C ILE B 70 19.56 17.66 4.20
N ASX B 71 20.59 18.01 4.93
CA ASX B 71 21.18 19.34 4.82
C ASX B 71 22.50 19.11 4.10
N GLX B 72 23.40 20.08 4.10
CA GLX B 72 24.66 19.89 3.40
C GLX B 72 25.62 18.96 4.08
N VAL B 73 25.42 18.69 5.37
CA VAL B 73 26.34 17.83 6.09
C VAL B 73 25.78 16.49 6.55
N LYS B 74 24.49 16.45 6.88
CA LYS B 74 23.88 15.21 7.37
C LYS B 74 22.78 14.60 6.49
N ALA B 75 22.31 13.44 6.93
CA ALA B 75 21.25 12.68 6.27
C ALA B 75 20.62 11.88 7.40
N VAL B 76 19.42 12.25 7.84
CA VAL B 76 18.77 11.56 8.95
C VAL B 76 17.33 11.17 8.69
N THR B 77 16.95 9.95 9.06
CA THR B 77 15.59 9.50 8.87
C THR B 77 14.83 9.68 10.18
N ILE B 78 13.54 9.93 10.08
CA ILE B 78 12.70 10.13 11.25
C ILE B 78 11.66 9.02 11.30
N SER B 79 11.76 8.12 12.27
CA SER B 79 10.80 7.03 12.36
C SER B 79 10.08 7.03 13.72
N LYS B 80 9.02 6.24 13.80
CA LYS B 80 8.22 6.16 15.00
C LYS B 80 8.69 5.09 16.00
N GLY B 81 8.30 5.27 17.26
CA GLY B 81 8.65 4.32 18.31
C GLY B 81 8.23 2.90 17.97
N ILE B 82 7.05 2.75 17.40
CA ILE B 82 6.55 1.43 17.02
C ILE B 82 7.52 0.69 16.09
N ASP B 83 8.46 1.40 15.47
CA ASP B 83 9.39 0.76 14.56
C ASP B 83 10.69 0.30 15.22
N GLY B 84 10.84 0.59 16.50
CA GLY B 84 12.05 0.19 17.19
C GLY B 84 13.30 0.68 16.48
N GLY B 85 14.26 -0.22 16.29
CA GLY B 85 15.51 0.12 15.64
C GLY B 85 15.62 -0.40 14.22
N MET B 86 14.51 -0.83 13.67
CA MET B 86 14.49 -1.33 12.30
C MET B 86 14.80 -0.17 11.34
N PRO B 87 14.14 0.98 11.51
CA PRO B 87 14.43 2.10 10.61
C PRO B 87 15.91 2.45 10.63
N TRP B 88 16.54 2.29 11.78
CA TRP B 88 17.96 2.60 11.89
C TRP B 88 18.84 1.53 11.24
N ARG B 89 18.43 0.29 11.38
CA ARG B 89 19.19 -0.82 10.82
C ARG B 89 19.22 -0.79 9.30
N ARG B 90 18.18 -0.21 8.70
CA ARG B 90 18.08 -0.15 7.25
C ARG B 90 18.39 1.21 6.63
N SER B 91 18.59 2.23 7.46
CA SER B 91 18.84 3.55 6.91
C SER B 91 20.30 3.84 6.62
N PHE B 92 20.56 4.50 5.50
CA PHE B 92 21.93 4.85 5.17
C PHE B 92 22.10 6.25 5.73
N GLY B 93 22.74 6.34 6.89
CA GLY B 93 22.93 7.63 7.54
C GLY B 93 22.36 7.54 8.94
N ASX B 94 22.05 8.68 9.54
CA ASX B 94 21.53 8.70 10.90
C ASX B 94 20.02 8.43 10.97
N ASN B 95 19.53 8.22 12.18
CA ASN B 95 18.11 7.95 12.40
C ASN B 95 17.70 8.46 13.78
N ILE B 96 16.51 9.03 13.84
CA ILE B 96 15.97 9.57 15.08
C ILE B 96 14.54 9.03 15.26
N VAL B 97 14.10 8.87 16.50
CA VAL B 97 12.77 8.34 16.78
C VAL B 97 11.89 9.29 17.59
N TYR B 98 10.58 9.25 17.32
CA TYR B 98 9.63 10.09 18.04
C TYR B 98 8.50 9.20 18.54
N THR B 99 7.82 9.59 19.61
CA THR B 99 6.75 8.76 20.17
C THR B 99 5.32 9.29 19.99
N ASP B 100 4.35 8.45 20.35
CA ASP B 100 2.94 8.80 20.23
C ASP B 100 2.39 9.58 21.42
N TRP B 101 3.18 9.66 22.49
CA TRP B 101 2.78 10.34 23.72
C TRP B 101 2.17 11.74 23.52
N LYS B 102 2.75 12.52 22.61
CA LYS B 102 2.26 13.87 22.30
C LYS B 102 1.98 14.01 20.82
N ARG B 103 0.98 14.81 20.47
CA ARG B 103 0.63 15.00 19.07
C ARG B 103 1.65 15.70 18.18
N ASP B 104 2.54 16.49 18.75
CA ASP B 104 3.51 17.19 17.90
C ASP B 104 4.92 16.64 17.98
N ASN B 105 5.09 15.53 18.70
CA ASN B 105 6.41 14.91 18.84
C ASN B 105 7.17 14.77 17.52
N PHE B 106 6.47 14.40 16.45
CA PHE B 106 7.12 14.26 15.17
C PHE B 106 7.69 15.61 14.71
N TYR B 107 6.94 16.67 14.97
CA TYR B 107 7.37 18.00 14.56
C TYR B 107 8.57 18.52 15.33
N SER B 108 8.67 18.22 16.63
CA SER B 108 9.85 18.71 17.32
C SER B 108 11.05 17.90 16.81
N ALA B 109 10.77 16.74 16.22
CA ALA B 109 11.83 15.91 15.65
C ALA B 109 12.40 16.61 14.43
N VAL B 110 11.53 16.97 13.49
CA VAL B 110 11.96 17.66 12.28
C VAL B 110 12.49 19.04 12.65
N LYS B 111 11.94 19.63 13.70
CA LYS B 111 12.39 20.94 14.14
C LYS B 111 13.88 20.83 14.51
N LYS B 112 14.21 19.83 15.33
CA LYS B 112 15.59 19.61 15.77
C LYS B 112 16.58 19.45 14.61
N LEU B 113 16.17 18.69 13.59
CA LEU B 113 17.03 18.43 12.44
C LEU B 113 17.02 19.55 11.43
N VAL B 114 16.20 20.57 11.68
CA VAL B 114 16.07 21.65 10.72
C VAL B 114 16.48 23.05 11.21
N LYS B 115 17.11 23.12 12.38
CA LYS B 115 17.53 24.39 12.98
C LYS B 115 18.24 25.37 12.02
N GLY B 116 17.76 26.61 11.98
CA GLY B 116 18.38 27.62 11.14
C GLY B 116 17.99 27.70 9.68
N ALA B 117 17.26 26.72 9.17
CA ALA B 117 16.85 26.71 7.78
C ALA B 117 15.80 27.78 7.47
N LYS B 118 15.92 28.44 6.31
CA LYS B 118 14.96 29.47 5.89
C LYS B 118 14.13 28.97 4.73
N GLX B 119 14.77 28.23 3.83
CA GLX B 119 14.08 27.65 2.70
C GLX B 119 14.21 26.15 2.84
N ILE B 120 13.08 25.46 2.91
CA ILE B 120 13.10 24.01 3.03
C ILE B 120 12.35 23.34 1.89
N GLY B 121 12.93 22.27 1.36
CA GLY B 121 12.30 21.58 0.27
C GLY B 121 11.45 20.43 0.74
N ILE B 122 10.18 20.42 0.34
CA ILE B 122 9.28 19.33 0.69
C ILE B 122 8.72 18.78 -0.61
N GLU B 123 8.06 17.62 -0.53
CA GLU B 123 7.46 17.00 -1.70
C GLU B 123 6.04 17.50 -1.85
N HIS B 124 5.83 18.41 -2.78
CA HIS B 124 4.51 18.99 -3.00
C HIS B 124 3.50 17.99 -3.56
N ASP B 125 3.98 16.86 -4.07
CA ASP B 125 3.05 15.86 -4.61
C ASP B 125 2.69 14.80 -3.59
N HIS B 126 3.19 14.98 -2.37
CA HIS B 126 2.91 14.04 -1.29
C HIS B 126 2.36 14.68 -0.01
N VAL B 127 2.78 15.90 0.29
CA VAL B 127 2.34 16.59 1.50
C VAL B 127 0.88 17.03 1.38
N THR B 128 0.05 16.64 2.34
CA THR B 128 -1.35 17.03 2.28
C THR B 128 -1.51 18.47 2.74
N LEU B 129 -2.67 19.05 2.48
CA LEU B 129 -2.94 20.41 2.90
C LEU B 129 -2.82 20.50 4.42
N ASX B 130 -3.32 19.46 5.09
CA ASX B 130 -3.25 19.40 6.55
C ASX B 130 -1.80 19.35 7.03
N HIS B 131 -1.03 18.45 6.43
CA HIS B 131 0.38 18.28 6.78
C HIS B 131 1.11 19.60 6.59
N ARG B 132 0.76 20.30 5.52
CA ARG B 132 1.39 21.56 5.20
C ARG B 132 1.20 22.65 6.27
N ARG B 133 -0.03 22.85 6.74
CA ARG B 133 -0.22 23.90 7.76
C ARG B 133 0.44 23.50 9.07
N GLX B 134 0.48 22.21 9.36
CA GLX B 134 1.13 21.79 10.59
C GLX B 134 2.63 22.08 10.53
N LEU B 135 3.23 21.86 9.37
CA LEU B 135 4.65 22.14 9.20
C LEU B 135 4.91 23.64 9.34
N GLX B 136 3.96 24.46 8.89
CA GLX B 136 4.13 25.91 9.00
C GLX B 136 3.93 26.35 10.43
N LYS B 137 3.18 25.56 11.18
CA LYS B 137 2.92 25.88 12.57
C LYS B 137 4.16 25.53 13.40
N ALA B 138 4.88 24.52 12.92
CA ALA B 138 6.08 24.03 13.60
C ALA B 138 7.38 24.70 13.17
N LEU B 139 7.43 25.23 11.96
CA LEU B 139 8.62 25.90 11.44
C LEU B 139 8.20 27.28 10.96
N PRO B 140 7.87 28.18 11.89
CA PRO B 140 7.43 29.56 11.68
C PRO B 140 7.87 30.31 10.42
N GLY B 141 9.01 30.99 10.48
CA GLY B 141 9.43 31.77 9.32
C GLY B 141 10.07 31.01 8.18
N THR B 142 9.78 29.71 8.08
CA THR B 142 10.35 28.88 7.04
C THR B 142 9.60 28.94 5.72
N GLU B 143 10.33 29.02 4.63
CA GLU B 143 9.77 29.06 3.28
C GLU B 143 9.87 27.64 2.72
N PHE B 144 8.79 27.17 2.11
CA PHE B 144 8.77 25.83 1.54
C PHE B 144 8.85 25.81 0.04
N VAL B 145 9.77 25.03 -0.49
CA VAL B 145 9.95 24.92 -1.92
C VAL B 145 9.80 23.45 -2.29
N ASP B 146 9.28 23.17 -3.49
CA ASP B 146 9.11 21.79 -3.90
C ASP B 146 10.40 21.12 -4.34
N VAL B 147 10.58 19.88 -3.88
CA VAL B 147 11.76 19.09 -4.20
C VAL B 147 11.32 17.77 -4.82
N GLY B 148 10.00 17.53 -4.82
CA GLY B 148 9.44 16.31 -5.39
C GLY B 148 9.73 16.21 -6.88
N GLX B 149 9.45 17.28 -7.61
CA GLX B 149 9.70 17.30 -9.05
C GLX B 149 11.17 17.12 -9.33
N PRO B 150 12.03 17.88 -8.63
CA PRO B 150 13.47 17.77 -8.85
C PRO B 150 14.00 16.35 -8.62
N VAL B 151 13.50 15.66 -7.60
CA VAL B 151 13.96 14.29 -7.34
C VAL B 151 13.49 13.35 -8.44
N MET B 152 12.23 13.51 -8.82
CA MET B 152 11.63 12.67 -9.85
C MET B 152 12.49 12.67 -11.10
N TRP B 153 12.94 13.85 -11.53
CA TRP B 153 13.78 13.93 -12.72
C TRP B 153 15.11 13.24 -12.49
N GLX B 154 15.73 13.49 -11.34
CA GLX B 154 17.02 12.88 -11.04
C GLX B 154 16.95 11.34 -10.94
N ARG B 155 15.82 10.81 -10.47
CA ARG B 155 15.67 9.37 -10.35
C ARG B 155 15.35 8.64 -11.64
N VAL B 156 14.96 9.38 -12.69
CA VAL B 156 14.62 8.74 -13.96
C VAL B 156 15.80 7.93 -14.50
N ILE B 157 17.00 8.41 -14.21
CA ILE B 157 18.23 7.75 -14.64
C ILE B 157 18.68 6.76 -13.59
N LYS B 158 18.83 5.49 -13.99
CA LYS B 158 19.26 4.45 -13.06
C LYS B 158 20.75 4.19 -13.13
N SER B 159 21.35 3.94 -11.98
CA SER B 159 22.78 3.65 -11.92
C SER B 159 22.95 2.19 -12.30
N SER B 160 24.20 1.75 -12.38
CA SER B 160 24.49 0.36 -12.72
C SER B 160 23.94 -0.53 -11.63
N GLU B 161 24.19 -0.15 -10.39
CA GLU B 161 23.72 -0.94 -9.27
C GLU B 161 22.20 -1.11 -9.31
N GLU B 162 21.48 -0.06 -9.66
CA GLU B 162 20.02 -0.17 -9.73
C GLU B 162 19.68 -1.11 -10.89
N GLX B 163 20.37 -0.93 -12.01
CA GLX B 163 20.16 -1.78 -13.15
C GLX B 163 20.36 -3.24 -12.76
N ASX B 164 21.39 -3.47 -11.96
CA ASX B 164 21.71 -4.80 -11.49
C ASX B 164 20.52 -5.39 -10.72
N LEU B 165 20.03 -4.63 -9.76
CA LEU B 165 18.90 -5.06 -8.95
C LEU B 165 17.66 -5.37 -9.81
N ILE B 166 17.39 -4.49 -10.78
CA ILE B 166 16.23 -4.66 -11.66
C ILE B 166 16.36 -5.93 -12.51
N ARG B 167 17.59 -6.27 -12.90
CA ARG B 167 17.77 -7.49 -13.68
C ARG B 167 17.41 -8.68 -12.80
N GLX B 168 17.74 -8.58 -11.53
CA GLX B 168 17.46 -9.66 -10.59
C GLX B 168 15.95 -9.80 -10.40
N GLY B 169 15.24 -8.68 -10.39
CA GLY B 169 13.80 -8.73 -10.24
C GLY B 169 13.17 -9.41 -11.43
N ALA B 170 13.63 -9.06 -12.63
CA ALA B 170 13.10 -9.63 -13.86
C ALA B 170 13.27 -11.15 -13.90
N ARG B 171 14.41 -11.62 -13.40
CA ARG B 171 14.71 -13.04 -13.36
C ARG B 171 13.67 -13.73 -12.51
N ILE B 172 13.31 -13.08 -11.41
CA ILE B 172 12.31 -13.62 -10.50
C ILE B 172 10.93 -13.54 -11.13
N SER B 173 10.69 -12.50 -11.92
CA SER B 173 9.41 -12.37 -12.59
C SER B 173 9.20 -13.63 -13.45
N ASP B 174 10.26 -14.10 -14.10
CA ASP B 174 10.18 -15.29 -14.95
C ASP B 174 9.87 -16.58 -14.20
N ILE B 175 10.39 -16.69 -12.97
CA ILE B 175 10.13 -17.86 -12.16
C ILE B 175 8.67 -17.85 -11.77
N GLY B 176 8.17 -16.67 -11.42
CA GLY B 176 6.77 -16.57 -11.08
C GLY B 176 5.98 -17.01 -12.31
N GLY B 177 6.42 -16.55 -13.47
CA GLY B 177 5.75 -16.90 -14.71
C GLY B 177 5.60 -18.39 -14.92
N ALA B 178 6.69 -19.13 -14.75
CA ALA B 178 6.68 -20.57 -14.93
C ALA B 178 5.76 -21.23 -13.93
N ALA B 179 5.79 -20.75 -12.69
CA ALA B 179 4.96 -21.27 -11.61
C ALA B 179 3.47 -21.07 -11.92
N THR B 180 3.10 -19.89 -12.43
CA THR B 180 1.70 -19.62 -12.77
C THR B 180 1.29 -20.59 -13.84
N ALA B 181 2.07 -20.64 -14.92
CA ALA B 181 1.80 -21.53 -16.05
C ALA B 181 1.56 -22.95 -15.57
N ALA B 182 2.46 -23.44 -14.73
CA ALA B 182 2.34 -24.79 -14.21
C ALA B 182 1.03 -25.01 -13.41
N ALA B 183 0.49 -23.94 -12.84
CA ALA B 183 -0.72 -24.04 -12.05
C ALA B 183 -2.05 -23.81 -12.79
N ILE B 184 -1.99 -23.31 -14.03
CA ILE B 184 -3.20 -23.06 -14.83
C ILE B 184 -3.86 -24.38 -15.25
N SER B 185 -5.17 -24.48 -15.03
CA SER B 185 -5.90 -25.69 -15.38
C SER B 185 -7.39 -25.49 -15.17
N ALA B 186 -8.21 -25.94 -16.12
CA ALA B 186 -9.66 -25.79 -15.95
C ALA B 186 -10.05 -26.35 -14.60
N GLY B 187 -10.89 -25.63 -13.86
CA GLY B 187 -11.32 -26.10 -12.55
C GLY B 187 -10.65 -25.46 -11.35
N VAL B 188 -9.48 -24.87 -11.55
CA VAL B 188 -8.75 -24.22 -10.45
C VAL B 188 -9.21 -22.76 -10.25
N PRO B 189 -9.37 -22.34 -8.98
CA PRO B 189 -9.78 -20.97 -8.66
C PRO B 189 -8.60 -20.04 -8.90
N GLU B 190 -8.87 -18.78 -9.25
CA GLU B 190 -7.81 -17.83 -9.51
C GLU B 190 -6.81 -17.75 -8.36
N TYR B 191 -7.31 -17.53 -7.15
CA TYR B 191 -6.44 -17.40 -5.98
C TYR B 191 -5.51 -18.58 -5.74
N GLU B 192 -5.92 -19.77 -6.10
CA GLU B 192 -5.02 -20.91 -5.91
C GLU B 192 -3.76 -20.71 -6.78
N VAL B 193 -3.97 -20.20 -7.99
CA VAL B 193 -2.87 -19.92 -8.92
C VAL B 193 -2.00 -18.80 -8.36
N ALA B 194 -2.67 -17.75 -7.88
CA ALA B 194 -1.99 -16.59 -7.31
C ALA B 194 -1.04 -17.02 -6.18
N ILE B 195 -1.56 -17.86 -5.27
CA ILE B 195 -0.77 -18.36 -4.16
C ILE B 195 0.47 -19.11 -4.66
N ALA B 196 0.25 -20.06 -5.55
CA ALA B 196 1.34 -20.85 -6.10
C ALA B 196 2.42 -19.92 -6.66
N THR B 197 1.98 -18.94 -7.43
CA THR B 197 2.91 -18.01 -8.04
C THR B 197 3.65 -17.16 -7.01
N THR B 198 2.92 -16.50 -6.11
CA THR B 198 3.56 -15.66 -5.12
C THR B 198 4.50 -16.46 -4.23
N ASX B 199 4.06 -17.63 -3.80
CA ASX B 199 4.91 -18.45 -2.96
C ASX B 199 6.23 -18.69 -3.69
N ALA B 200 6.16 -19.06 -4.96
CA ALA B 200 7.36 -19.33 -5.74
C ALA B 200 8.31 -18.14 -5.76
N MET B 201 7.78 -16.94 -5.96
CA MET B 201 8.63 -15.75 -6.00
C MET B 201 9.19 -15.33 -4.66
N VAL B 202 8.38 -15.42 -3.61
CA VAL B 202 8.86 -15.05 -2.30
C VAL B 202 10.03 -15.97 -1.93
N ARG B 203 9.85 -17.27 -2.18
CA ARG B 203 10.90 -18.24 -1.89
C ARG B 203 12.16 -17.97 -2.71
N GLX B 204 11.98 -17.56 -3.96
CA GLX B 204 13.12 -17.28 -4.85
C GLX B 204 13.89 -16.02 -4.46
N ILE B 205 13.21 -15.09 -3.80
CA ILE B 205 13.84 -13.84 -3.37
C ILE B 205 14.61 -14.11 -2.07
N ALA B 206 13.96 -14.82 -1.14
CA ALA B 206 14.55 -15.13 0.15
C ALA B 206 15.85 -15.89 -0.02
N ARG B 207 15.96 -16.59 -1.13
CA ARG B 207 17.12 -17.42 -1.42
C ARG B 207 18.27 -16.69 -2.10
N ASX B 208 17.99 -15.52 -2.69
CA ASX B 208 19.00 -14.75 -3.44
C ASX B 208 19.74 -13.64 -2.72
N PHE B 209 19.48 -13.45 -1.45
CA PHE B 209 20.15 -12.38 -0.72
C PHE B 209 20.62 -12.87 0.65
N PRO B 210 21.77 -12.36 1.10
CA PRO B 210 22.24 -12.79 2.42
C PRO B 210 21.13 -12.41 3.38
N TYR B 211 20.59 -11.21 3.15
CA TYR B 211 19.53 -10.67 3.96
C TYR B 211 18.55 -9.90 3.08
N VAL B 212 17.27 -10.21 3.19
CA VAL B 212 16.27 -9.50 2.40
C VAL B 212 14.95 -9.49 3.13
N GLU B 213 14.19 -8.43 2.90
CA GLU B 213 12.88 -8.30 3.51
C GLU B 213 11.86 -8.75 2.49
N LEU B 214 11.04 -9.72 2.84
CA LEU B 214 10.01 -10.20 1.94
C LEU B 214 8.76 -9.35 2.16
N MET B 215 8.57 -8.39 1.25
CA MET B 215 7.46 -7.43 1.31
C MET B 215 6.73 -7.26 0.00
N ASP B 216 5.45 -6.91 0.13
CA ASP B 216 4.56 -6.58 -0.97
C ASP B 216 4.48 -7.42 -2.23
N THR B 217 5.46 -8.28 -2.46
CA THR B 217 5.47 -9.14 -3.64
C THR B 217 4.07 -9.72 -3.78
N TRP B 218 3.54 -9.66 -4.99
CA TRP B 218 2.19 -10.15 -5.25
C TRP B 218 1.99 -10.59 -6.70
N ILE B 219 0.88 -11.29 -6.91
CA ILE B 219 0.51 -11.80 -8.23
C ILE B 219 -0.93 -11.43 -8.55
N TRP B 220 -1.19 -11.08 -9.80
CA TRP B 220 -2.54 -10.81 -10.23
C TRP B 220 -2.77 -11.83 -11.32
N PHE B 221 -3.67 -12.77 -11.06
CA PHE B 221 -4.00 -13.79 -12.03
C PHE B 221 -5.47 -13.56 -12.36
N GLN B 222 -5.72 -13.09 -13.58
CA GLN B 222 -7.07 -12.79 -14.01
C GLN B 222 -7.61 -13.74 -15.06
N SER B 223 -8.87 -14.10 -14.94
CA SER B 223 -9.50 -14.99 -15.90
C SER B 223 -10.87 -14.42 -16.24
N GLY B 224 -11.31 -14.62 -17.47
CA GLY B 224 -12.61 -14.13 -17.87
C GLY B 224 -12.72 -12.63 -17.77
N ILE B 225 -13.89 -12.15 -17.40
CA ILE B 225 -14.16 -10.72 -17.28
C ILE B 225 -13.19 -9.98 -16.37
N ASN B 226 -12.54 -10.68 -15.44
CA ASN B 226 -11.56 -10.08 -14.51
C ASN B 226 -10.33 -9.56 -15.22
N THR B 227 -10.23 -9.83 -16.52
CA THR B 227 -9.10 -9.39 -17.29
C THR B 227 -9.36 -8.04 -17.95
N ASP B 228 -10.52 -7.44 -17.69
CA ASP B 228 -10.85 -6.15 -18.28
C ASP B 228 -10.13 -4.97 -17.62
N GLY B 229 -9.49 -5.25 -16.49
CA GLY B 229 -8.74 -4.23 -15.76
C GLY B 229 -7.38 -4.78 -15.36
N ALA B 230 -6.31 -4.10 -15.73
CA ALA B 230 -4.95 -4.56 -15.43
C ALA B 230 -4.60 -4.67 -13.96
N HIS B 231 -5.29 -3.93 -13.11
CA HIS B 231 -5.00 -3.98 -11.69
C HIS B 231 -6.11 -4.69 -10.92
N ASN B 232 -7.02 -5.32 -11.64
CA ASN B 232 -8.12 -6.06 -11.03
C ASN B 232 -7.55 -7.10 -10.06
N PRO B 233 -8.05 -7.11 -8.81
CA PRO B 233 -7.61 -8.04 -7.77
C PRO B 233 -7.93 -9.51 -8.06
N VAL B 234 -7.27 -10.39 -7.32
CA VAL B 234 -7.53 -11.81 -7.45
C VAL B 234 -8.91 -12.10 -6.84
N THR B 235 -9.68 -12.98 -7.47
CA THR B 235 -11.01 -13.34 -6.96
C THR B 235 -11.04 -14.83 -6.74
N ASX B 236 -12.18 -15.35 -6.30
CA ASX B 236 -12.32 -16.78 -6.07
C ASX B 236 -13.00 -17.47 -7.24
N ARG B 237 -12.98 -16.82 -8.41
CA ARG B 237 -13.60 -17.38 -9.60
C ARG B 237 -12.86 -18.62 -10.13
N VAL B 238 -13.64 -19.65 -10.49
CA VAL B 238 -13.07 -20.87 -11.03
C VAL B 238 -12.77 -20.64 -12.50
N VAL B 239 -11.60 -21.07 -12.94
CA VAL B 239 -11.21 -20.91 -14.33
C VAL B 239 -11.84 -21.99 -15.21
N GLX B 240 -12.38 -21.59 -16.36
CA GLX B 240 -13.00 -22.51 -17.31
C GLX B 240 -12.17 -22.64 -18.59
N ARG B 241 -12.32 -23.75 -19.31
CA ARG B 241 -11.60 -23.96 -20.56
C ARG B 241 -11.93 -22.86 -21.55
N GLY B 242 -10.92 -22.38 -22.26
CA GLY B 242 -11.15 -21.34 -23.23
C GLY B 242 -11.10 -19.96 -22.61
N ASP B 243 -11.07 -19.88 -21.28
CA ASP B 243 -11.02 -18.58 -20.63
C ASP B 243 -9.72 -17.84 -20.95
N ILE B 244 -9.84 -16.53 -21.18
CA ILE B 244 -8.68 -15.71 -21.43
C ILE B 244 -8.11 -15.50 -20.02
N LEU B 245 -6.79 -15.45 -19.92
CA LEU B 245 -6.16 -15.29 -18.61
C LEU B 245 -5.03 -14.28 -18.66
N SER B 246 -4.84 -13.56 -17.57
CA SER B 246 -3.76 -12.61 -17.49
C SER B 246 -2.84 -13.01 -16.35
N LEU B 247 -1.57 -13.22 -16.68
CA LEU B 247 -0.56 -13.60 -15.71
C LEU B 247 0.23 -12.32 -15.40
N ASN B 248 0.29 -11.96 -14.12
CA ASN B 248 0.97 -10.75 -13.72
C ASN B 248 1.86 -10.94 -12.49
N CYS B 249 3.17 -10.79 -12.69
CA CYS B 249 4.14 -10.95 -11.61
C CYS B 249 4.78 -9.65 -11.15
N PHE B 250 4.77 -9.46 -9.83
CA PHE B 250 5.35 -8.26 -9.25
C PHE B 250 6.22 -8.54 -8.02
N PRO B 251 7.48 -8.92 -8.24
CA PRO B 251 8.31 -9.17 -7.06
C PRO B 251 8.85 -7.83 -6.57
N MET B 252 8.80 -7.61 -5.26
CA MET B 252 9.30 -6.37 -4.67
C MET B 252 10.57 -6.70 -3.91
N ILE B 253 11.68 -6.17 -4.40
CA ILE B 253 12.97 -6.40 -3.78
C ILE B 253 13.55 -5.07 -3.33
N PHE B 254 13.80 -4.94 -2.03
CA PHE B 254 14.34 -3.72 -1.46
C PHE B 254 13.65 -2.45 -1.98
N GLY B 255 12.34 -2.54 -2.19
CA GLY B 255 11.57 -1.39 -2.65
C GLY B 255 11.48 -1.20 -4.15
N TYR B 256 12.22 -2.01 -4.91
CA TYR B 256 12.19 -1.88 -6.35
C TYR B 256 11.19 -2.80 -6.96
N TYR B 257 10.53 -2.27 -7.98
CA TYR B 257 9.48 -2.93 -8.73
C TYR B 257 9.96 -3.42 -10.08
N THR B 258 9.50 -4.60 -10.46
CA THR B 258 9.78 -5.22 -11.75
C THR B 258 8.47 -5.90 -12.07
N ALA B 259 8.18 -6.18 -13.33
CA ALA B 259 6.92 -6.83 -13.63
C ALA B 259 6.96 -7.70 -14.87
N LEU B 260 6.14 -8.75 -14.85
CA LEU B 260 6.00 -9.64 -15.96
C LEU B 260 4.50 -9.81 -16.18
N GLU B 261 4.02 -9.37 -17.34
CA GLU B 261 2.61 -9.47 -17.67
C GLU B 261 2.47 -10.19 -19.00
N ARG B 262 1.67 -11.24 -19.02
CA ARG B 262 1.50 -12.04 -20.22
C ARG B 262 0.07 -12.52 -20.40
N THR B 263 -0.40 -12.52 -21.65
CA THR B 263 -1.75 -12.99 -21.95
C THR B 263 -1.63 -14.49 -22.08
N LEU B 264 -2.62 -15.21 -21.57
CA LEU B 264 -2.63 -16.66 -21.62
C LEU B 264 -4.04 -17.17 -21.85
N PHE B 265 -4.15 -18.38 -22.38
CA PHE B 265 -5.45 -19.00 -22.58
C PHE B 265 -5.42 -20.40 -22.03
N LEU B 266 -6.56 -20.85 -21.51
CA LEU B 266 -6.68 -22.18 -20.97
C LEU B 266 -7.24 -23.14 -22.03
N GLX B 267 -6.54 -24.26 -22.24
CA GLX B 267 -6.94 -25.31 -23.21
C GLX B 267 -6.88 -24.86 -24.68
N GLX B 268 -7.79 -23.96 -25.04
CA GLX B 268 -7.81 -23.47 -26.42
C GLX B 268 -8.16 -22.00 -26.45
N VAL B 269 -8.16 -21.44 -27.66
CA VAL B 269 -8.50 -20.04 -27.86
C VAL B 269 -9.33 -19.97 -29.13
N ASX B 270 -10.43 -19.22 -29.08
CA ASX B 270 -11.32 -19.09 -30.21
C ASX B 270 -10.72 -18.15 -31.24
N ASP B 271 -11.15 -18.30 -32.49
CA ASP B 271 -10.65 -17.47 -33.59
C ASP B 271 -10.77 -15.98 -33.32
N ALA B 272 -11.91 -15.56 -32.79
CA ALA B 272 -12.14 -14.15 -32.52
C ALA B 272 -11.06 -13.62 -31.59
N SER B 273 -10.82 -14.34 -30.50
CA SER B 273 -9.83 -13.95 -29.51
C SER B 273 -8.41 -14.08 -30.02
N LEU B 274 -8.13 -15.14 -30.75
CA LEU B 274 -6.79 -15.34 -31.27
C LEU B 274 -6.41 -14.18 -32.18
N GLX B 275 -7.42 -13.64 -32.83
CA GLX B 275 -7.28 -12.53 -33.76
C GLX B 275 -6.75 -11.27 -33.07
N ILE B 276 -7.40 -10.88 -31.99
CA ILE B 276 -7.02 -9.69 -31.26
C ILE B 276 -5.68 -9.90 -30.58
N TRP B 277 -5.45 -11.11 -30.09
CA TRP B 277 -4.22 -11.44 -29.41
C TRP B 277 -3.00 -11.28 -30.31
N GLX B 278 -3.11 -11.74 -31.55
CA GLX B 278 -2.00 -11.63 -32.49
C GLX B 278 -1.67 -10.20 -32.86
N LYS B 279 -2.70 -9.38 -33.03
CA LYS B 279 -2.48 -7.99 -33.38
C LYS B 279 -1.87 -7.25 -32.22
N ASN B 280 -2.28 -7.59 -31.00
CA ASN B 280 -1.74 -6.93 -29.81
C ASN B 280 -0.26 -7.25 -29.69
N THR B 281 0.06 -8.51 -29.94
CA THR B 281 1.44 -8.96 -29.89
C THR B 281 2.25 -8.27 -30.98
N ALA B 282 1.59 -7.92 -32.07
CA ALA B 282 2.27 -7.24 -33.17
C ALA B 282 2.61 -5.82 -32.70
N VAL B 283 1.65 -5.18 -32.03
CA VAL B 283 1.89 -3.84 -31.53
C VAL B 283 3.03 -3.92 -30.53
N HIS B 284 3.15 -5.07 -29.88
CA HIS B 284 4.19 -5.28 -28.88
C HIS B 284 5.60 -5.35 -29.50
N ARG B 285 5.81 -6.24 -30.46
CA ARG B 285 7.10 -6.39 -31.14
C ARG B 285 7.55 -5.05 -31.73
N ARG B 286 6.60 -4.31 -32.25
CA ARG B 286 6.94 -3.04 -32.83
C ARG B 286 7.35 -2.07 -31.72
N GLY B 287 6.62 -2.12 -30.62
CA GLY B 287 6.92 -1.25 -29.49
C GLY B 287 8.31 -1.48 -28.93
N LEU B 288 8.74 -2.74 -28.93
CA LEU B 288 10.06 -3.09 -28.41
C LEU B 288 11.13 -2.49 -29.30
N GLX B 289 10.83 -2.37 -30.59
CA GLX B 289 11.79 -1.81 -31.54
C GLX B 289 11.86 -0.28 -31.45
N LEU B 290 10.75 0.35 -31.07
CA LEU B 290 10.71 1.81 -30.98
C LEU B 290 11.37 2.39 -29.74
N ILE B 291 11.64 1.56 -28.75
CA ILE B 291 12.28 2.04 -27.54
C ILE B 291 13.77 2.18 -27.82
N LYS B 292 14.25 3.42 -27.91
CA LYS B 292 15.65 3.70 -28.18
C LYS B 292 15.99 5.08 -27.67
N PRO B 293 17.26 5.32 -27.39
CA PRO B 293 17.67 6.65 -26.90
C PRO B 293 17.40 7.72 -27.94
N GLY B 294 16.76 8.82 -27.51
CA GLY B 294 16.45 9.90 -28.42
C GLY B 294 14.97 10.02 -28.71
N ALA B 295 14.27 8.89 -28.70
CA ALA B 295 12.84 8.88 -28.98
C ALA B 295 12.04 9.69 -27.96
N ARG B 296 10.96 10.32 -28.40
CA ARG B 296 10.12 11.06 -27.47
C ARG B 296 8.95 10.14 -27.10
N CYS B 297 8.63 10.07 -25.82
CA CYS B 297 7.56 9.19 -25.38
C CYS B 297 6.34 9.29 -26.28
N LYS B 298 5.86 10.52 -26.49
CA LYS B 298 4.69 10.76 -27.32
C LYS B 298 4.85 10.24 -28.75
N ASP B 299 6.07 10.32 -29.30
CA ASP B 299 6.26 9.84 -30.67
C ASP B 299 6.05 8.32 -30.76
N ILE B 300 6.49 7.60 -29.74
CA ILE B 300 6.33 6.15 -29.72
C ILE B 300 4.85 5.79 -29.71
N ALA B 301 4.08 6.51 -28.88
CA ALA B 301 2.64 6.26 -28.75
C ALA B 301 1.87 6.59 -30.02
N SER B 302 2.19 7.73 -30.61
CA SER B 302 1.50 8.12 -31.83
C SER B 302 1.79 7.10 -32.92
N GLU B 303 3.01 6.56 -32.94
CA GLU B 303 3.35 5.58 -33.96
C GLU B 303 2.63 4.26 -33.78
N LEU B 304 2.51 3.79 -32.54
CA LEU B 304 1.83 2.54 -32.27
C LEU B 304 0.33 2.72 -32.44
N ASN B 305 -0.17 3.90 -32.11
CA ASN B 305 -1.60 4.19 -32.25
C ASN B 305 -2.04 3.95 -33.69
N ASX B 306 -1.19 4.33 -34.64
CA ASX B 306 -1.51 4.16 -36.04
C ASX B 306 -1.72 2.69 -36.40
N MET B 307 -1.00 1.79 -35.74
CA MET B 307 -1.17 0.37 -35.99
C MET B 307 -2.56 -0.08 -35.56
N TYR B 308 -2.97 0.34 -34.37
CA TYR B 308 -4.27 0.00 -33.82
C TYR B 308 -5.35 0.63 -34.70
N ARG B 309 -5.05 1.79 -35.24
CA ARG B 309 -6.00 2.50 -36.06
C ARG B 309 -6.24 1.77 -37.38
N GLX B 310 -5.26 0.97 -37.81
CA GLX B 310 -5.38 0.20 -39.05
C GLX B 310 -6.41 -0.90 -38.87
N TRP B 311 -6.36 -1.56 -37.71
CA TRP B 311 -7.27 -2.67 -37.40
C TRP B 311 -8.49 -2.22 -36.63
N ASP B 312 -8.68 -0.91 -36.56
CA ASP B 312 -9.82 -0.35 -35.85
C ASP B 312 -9.94 -0.90 -34.44
N LEU B 313 -8.80 -0.96 -33.73
CA LEU B 313 -8.77 -1.44 -32.36
C LEU B 313 -8.45 -0.30 -31.39
N LEU B 314 -7.94 0.80 -31.93
CA LEU B 314 -7.58 1.97 -31.15
C LEU B 314 -8.59 2.34 -30.06
N ARG B 315 -9.88 2.30 -30.38
CA ARG B 315 -10.91 2.65 -29.42
C ARG B 315 -10.96 1.73 -28.18
N TYR B 316 -10.29 0.58 -28.26
CA TYR B 316 -10.28 -0.36 -27.14
C TYR B 316 -9.04 -0.27 -26.28
N ARG B 317 -8.15 0.68 -26.57
CA ARG B 317 -6.95 0.81 -25.74
C ARG B 317 -7.37 1.16 -24.33
N THR B 318 -6.70 0.55 -23.35
CA THR B 318 -7.04 0.77 -21.94
C THR B 318 -6.16 1.81 -21.24
N PHE B 319 -4.86 1.82 -21.50
CA PHE B 319 -3.96 2.80 -20.87
C PHE B 319 -2.66 3.08 -21.61
N GLY B 320 -1.76 3.83 -20.95
CA GLY B 320 -0.49 4.19 -21.55
C GLY B 320 0.40 3.01 -21.89
N TYR B 321 1.15 3.16 -22.98
CA TYR B 321 2.04 2.10 -23.44
C TYR B 321 3.09 1.69 -22.44
N GLY B 322 3.67 2.64 -21.73
CA GLY B 322 4.69 2.27 -20.76
C GLY B 322 5.07 3.34 -19.77
N HIS B 323 5.73 2.92 -18.70
CA HIS B 323 6.16 3.85 -17.68
C HIS B 323 7.60 3.63 -17.25
N SER B 324 8.06 4.45 -16.31
CA SER B 324 9.42 4.37 -15.79
C SER B 324 9.49 3.43 -14.60
N PHE B 325 10.62 2.75 -14.47
CA PHE B 325 10.81 1.82 -13.38
C PHE B 325 11.62 2.45 -12.27
N GLY B 326 12.00 1.66 -11.28
CA GLY B 326 12.77 2.20 -10.18
C GLY B 326 12.03 2.00 -8.87
N VAL B 327 12.04 3.01 -8.02
CA VAL B 327 11.37 2.89 -6.73
C VAL B 327 9.89 3.24 -6.84
N LEU B 328 9.09 2.21 -7.10
CA LEU B 328 7.65 2.38 -7.20
C LEU B 328 6.97 1.07 -6.80
N ASX B 329 5.65 1.10 -6.76
CA ASX B 329 4.84 -0.05 -6.39
C ASX B 329 3.42 0.46 -6.55
N HIS B 330 2.42 -0.40 -6.37
CA HIS B 330 1.04 0.03 -6.54
C HIS B 330 0.62 1.12 -5.55
N TYR B 331 1.24 1.17 -4.38
CA TYR B 331 0.86 2.18 -3.38
C TYR B 331 1.86 3.34 -3.16
N TYR B 332 2.89 3.43 -4.01
CA TYR B 332 3.85 4.53 -3.88
C TYR B 332 4.71 4.76 -5.13
N GLY B 333 5.37 5.91 -5.18
CA GLY B 333 6.26 6.22 -6.28
C GLY B 333 5.70 6.38 -7.69
N ARG B 334 6.62 6.31 -8.65
CA ARG B 334 6.37 6.43 -10.09
C ARG B 334 6.81 7.80 -10.62
N GLU B 335 7.82 7.81 -11.50
CA GLU B 335 8.32 9.05 -12.07
C GLU B 335 7.43 9.49 -13.24
N ALA B 336 6.48 10.38 -12.92
CA ALA B 336 5.52 10.90 -13.88
C ALA B 336 6.13 11.53 -15.13
N GLY B 337 7.39 11.96 -15.03
CA GLY B 337 8.05 12.57 -16.17
C GLY B 337 8.29 11.63 -17.34
N VAL B 338 8.24 10.33 -17.09
CA VAL B 338 8.47 9.37 -18.15
C VAL B 338 7.29 8.41 -18.32
N GLU B 339 6.31 8.84 -19.10
CA GLU B 339 5.11 8.05 -19.40
C GLU B 339 5.01 7.98 -20.92
N LEU B 340 4.72 6.79 -21.45
CA LEU B 340 4.59 6.66 -22.89
C LEU B 340 3.18 7.04 -23.28
N ARG B 341 2.86 8.33 -23.10
CA ARG B 341 1.55 8.88 -23.41
C ARG B 341 1.58 9.96 -24.48
N GLU B 342 0.43 10.15 -25.13
CA GLU B 342 0.25 11.10 -26.23
C GLU B 342 0.74 12.54 -26.05
N ASP B 343 0.71 13.08 -24.84
CA ASP B 343 1.14 14.46 -24.65
C ASP B 343 2.39 14.67 -23.76
N ILE B 344 3.30 13.69 -23.77
CA ILE B 344 4.52 13.79 -22.97
C ILE B 344 5.71 13.82 -23.93
N GLX B 345 6.43 14.93 -23.97
CA GLX B 345 7.56 15.02 -24.90
C GLX B 345 8.94 14.67 -24.38
N THR B 346 8.99 14.03 -23.22
CA THR B 346 10.25 13.62 -22.62
C THR B 346 11.03 12.72 -23.56
N VAL B 347 12.30 13.07 -23.78
CA VAL B 347 13.16 12.29 -24.64
C VAL B 347 13.83 11.19 -23.82
N LEU B 348 13.70 9.94 -24.27
CA LEU B 348 14.30 8.82 -23.57
C LEU B 348 15.83 8.94 -23.66
N GLU B 349 16.51 8.90 -22.51
CA GLU B 349 17.97 8.98 -22.54
C GLU B 349 18.54 7.69 -21.99
N PRO B 350 19.83 7.44 -22.23
CA PRO B 350 20.50 6.24 -21.75
C PRO B 350 20.43 6.18 -20.22
N GLY B 351 20.15 5.00 -19.68
CA GLY B 351 20.06 4.87 -18.24
C GLY B 351 18.64 4.76 -17.74
N MET B 352 17.68 5.01 -18.62
CA MET B 352 16.30 4.91 -18.21
C MET B 352 15.85 3.46 -18.31
N VAL B 353 14.84 3.10 -17.52
CA VAL B 353 14.33 1.74 -17.56
C VAL B 353 12.84 1.90 -17.74
N VAL B 354 12.37 1.65 -18.95
CA VAL B 354 10.96 1.79 -19.27
C VAL B 354 10.34 0.46 -19.61
N SER B 355 9.02 0.47 -19.67
CA SER B 355 8.29 -0.73 -20.01
C SER B 355 7.59 -0.51 -21.34
N MET B 356 7.12 -1.61 -21.92
CA MET B 356 6.37 -1.61 -23.16
C MET B 356 5.29 -2.62 -22.83
N GLU B 357 4.07 -2.15 -22.67
CA GLU B 357 2.97 -3.02 -22.29
C GLU B 357 1.65 -2.59 -22.92
N PRO B 358 1.49 -2.81 -24.23
CA PRO B 358 0.23 -2.41 -24.89
C PRO B 358 -0.94 -3.29 -24.44
N MET B 359 -2.11 -2.67 -24.28
CA MET B 359 -3.30 -3.43 -23.88
C MET B 359 -4.57 -2.95 -24.57
N VAL B 360 -5.45 -3.90 -24.85
CA VAL B 360 -6.74 -3.58 -25.46
C VAL B 360 -7.75 -4.34 -24.63
N MET B 361 -8.95 -3.78 -24.53
CA MET B 361 -9.98 -4.42 -23.75
C MET B 361 -11.28 -4.48 -24.55
N ASX B 362 -11.82 -5.69 -24.69
CA ASX B 362 -13.06 -5.91 -25.41
C ASX B 362 -14.16 -6.20 -24.40
N PRO B 363 -15.26 -5.44 -24.48
CA PRO B 363 -16.42 -5.55 -23.59
C PRO B 363 -17.03 -6.93 -23.58
N GLU B 364 -17.77 -7.21 -22.52
CA GLU B 364 -18.47 -8.49 -22.36
C GLU B 364 -19.52 -8.63 -23.46
N GLY B 365 -19.71 -9.86 -23.93
CA GLY B 365 -20.70 -10.09 -24.97
C GLY B 365 -20.12 -10.02 -26.37
N GLU B 366 -19.11 -9.16 -26.54
CA GLU B 366 -18.44 -8.98 -27.82
C GLU B 366 -17.59 -10.21 -28.13
N PRO B 367 -17.25 -10.41 -29.41
CA PRO B 367 -16.43 -11.59 -29.69
C PRO B 367 -15.00 -11.21 -29.31
N GLY B 368 -14.34 -12.10 -28.59
CA GLY B 368 -12.98 -11.81 -28.16
C GLY B 368 -12.96 -11.04 -26.86
N ALA B 369 -14.13 -10.87 -26.26
CA ALA B 369 -14.23 -10.14 -24.99
C ALA B 369 -13.11 -10.51 -24.03
N GLY B 370 -12.54 -9.49 -23.39
CA GLY B 370 -11.46 -9.72 -22.46
C GLY B 370 -10.38 -8.66 -22.57
N GLY B 371 -9.37 -8.78 -21.72
CA GLY B 371 -8.28 -7.84 -21.73
C GLY B 371 -7.02 -8.53 -22.21
N TYR B 372 -6.42 -7.97 -23.26
CA TYR B 372 -5.20 -8.52 -23.86
C TYR B 372 -4.01 -7.63 -23.52
N ARG B 373 -2.91 -8.22 -23.06
CA ARG B 373 -1.75 -7.41 -22.71
C ARG B 373 -0.44 -8.21 -22.55
N GLU B 374 0.67 -7.59 -22.94
CA GLU B 374 2.00 -8.18 -22.78
C GLU B 374 2.82 -7.07 -22.09
N HIS B 375 3.84 -7.45 -21.33
CA HIS B 375 4.64 -6.46 -20.63
C HIS B 375 6.12 -6.82 -20.54
N ASP B 376 6.97 -6.02 -21.17
CA ASP B 376 8.42 -6.24 -21.15
C ASP B 376 9.13 -5.02 -20.57
N ILE B 377 10.25 -5.26 -19.89
CA ILE B 377 11.01 -4.16 -19.33
C ILE B 377 12.26 -3.96 -20.18
N LEU B 378 12.60 -2.70 -20.47
CA LEU B 378 13.78 -2.42 -21.26
C LEU B 378 14.70 -1.41 -20.62
N VAL B 379 15.99 -1.75 -20.61
CA VAL B 379 17.03 -0.90 -20.06
C VAL B 379 17.63 -0.16 -21.24
N ILE B 380 17.43 1.16 -21.31
CA ILE B 380 17.96 1.94 -22.43
C ILE B 380 19.46 2.22 -22.28
N LYS B 381 20.20 2.03 -23.36
CA LYS B 381 21.63 2.26 -23.32
C LYS B 381 22.04 3.45 -24.19
N GLU B 382 23.32 3.56 -24.51
CA GLU B 382 23.79 4.68 -25.32
C GLU B 382 23.30 4.58 -26.77
N ASN B 383 23.39 3.38 -27.32
CA ASN B 383 23.01 3.12 -28.72
C ASN B 383 21.78 2.24 -28.96
N ASX B 384 21.16 1.73 -27.91
CA ASX B 384 20.00 0.86 -28.08
C ASX B 384 19.28 0.59 -26.76
N THR B 385 18.60 -0.56 -26.69
CA THR B 385 17.89 -0.94 -25.48
C THR B 385 17.87 -2.45 -25.31
N GLU B 386 18.11 -2.90 -24.09
CA GLU B 386 18.12 -4.32 -23.81
C GLU B 386 16.81 -4.76 -23.17
N ASN B 387 16.21 -5.79 -23.75
CA ASN B 387 14.96 -6.35 -23.26
C ASN B 387 15.40 -7.35 -22.20
N ILE B 388 15.02 -7.15 -20.95
CA ILE B 388 15.43 -8.10 -19.91
C ILE B 388 14.33 -9.07 -19.50
N THR B 389 13.20 -9.00 -20.18
CA THR B 389 12.09 -9.90 -19.88
C THR B 389 12.34 -11.17 -20.68
N GLY B 390 12.39 -12.31 -19.99
CA GLY B 390 12.66 -13.56 -20.68
C GLY B 390 11.49 -14.47 -20.99
N PHE B 391 10.44 -14.45 -20.16
CA PHE B 391 9.29 -15.31 -20.40
C PHE B 391 8.72 -15.07 -21.80
N PRO B 392 8.43 -16.16 -22.53
CA PRO B 392 7.87 -16.04 -23.88
C PRO B 392 6.52 -15.35 -23.90
N PHE B 393 6.16 -14.81 -25.06
CA PHE B 393 4.87 -14.16 -25.22
C PHE B 393 4.26 -14.59 -26.53
N GLY B 394 2.93 -14.63 -26.60
CA GLY B 394 2.29 -15.00 -27.84
C GLY B 394 1.61 -16.36 -27.81
N PRO B 395 0.78 -16.65 -28.82
CA PRO B 395 0.04 -17.91 -28.96
C PRO B 395 0.96 -19.11 -29.18
N GLU B 396 2.14 -18.85 -29.74
CA GLU B 396 3.09 -19.93 -29.98
C GLU B 396 3.46 -20.64 -28.67
N HIS B 397 3.29 -19.96 -27.53
CA HIS B 397 3.70 -20.56 -26.27
C HIS B 397 2.71 -20.50 -25.12
N ASN B 398 1.77 -19.57 -25.17
CA ASN B 398 0.89 -19.43 -24.02
C ASN B 398 -0.52 -19.96 -24.02
N ILE B 399 -0.74 -21.00 -24.79
CA ILE B 399 -2.05 -21.65 -24.81
C ILE B 399 -1.78 -22.82 -23.88
N ILE B 400 -1.95 -22.57 -22.60
CA ILE B 400 -1.71 -23.56 -21.58
C ILE B 400 -2.63 -24.76 -21.65
N LYS B 401 -2.03 -25.92 -21.84
CA LYS B 401 -2.77 -27.17 -21.92
C LYS B 401 -2.18 -28.11 -20.88
N ALA B 402 -2.82 -28.19 -19.72
CA ALA B 402 -2.34 -29.05 -18.65
C ALA B 402 -3.46 -29.24 -17.64
#